data_6ZMD
#
_entry.id   6ZMD
#
_cell.length_a   83.466
_cell.length_b   83.466
_cell.length_c   169.482
_cell.angle_alpha   90.000
_cell.angle_beta   90.000
_cell.angle_gamma   90.000
#
_symmetry.space_group_name_H-M   'P 41'
#
loop_
_entity.id
_entity.type
_entity.pdbx_description
1 polymer 'Endoplasmic reticulum chaperone BiP'
2 polymer 'Protein adenylyltransferase FICD'
3 non-polymer 'PHOSPHOAMINOPHOSPHONIC ACID-ADENYLATE ESTER'
4 non-polymer ~{N}-[2-[1-[(2~{R},3~{R},4~{S},5~{R})-3,4-bis(oxidanyl)-5-[[tris(oxidanyl)-$l^{5}-phosphanyl]oxymethyl]oxolan-2-yl]-1,2,3-triazol-4-yl]ethyl]ethanamide
5 non-polymer 'MAGNESIUM ION'
6 non-polymer 'PHOSPHATE ION'
7 water water
#
loop_
_entity_poly.entity_id
_entity_poly.type
_entity_poly.pdbx_seq_one_letter_code
_entity_poly.pdbx_strand_id
1 'polypeptide(L)'
;GAMGSGTVVGIDLGTTYSCVGVFKNGRVEIIANDQGNRITPSYVAFTPEGERLIGDAAKNQLTSNPENTVFDAKRLIGRT
WNDPSVQQDIKFLPFKVVEKKTKPYIQVDIGGGQTKTFAPEEISAMVLTKMKETAEAYLGKKVTHAVVTVPAYFNDAQRQ
ATKDAGTIAGLNVMRIINEPTAAAIAYGLDKREGEKNILVFDLGGGAFDVSLLTIDNGVFEVVATNGDTHLGGEDFDQRV
MEHFIKLYKKKTGKDVRKDNRAVQKLRREVEKAKRALSSQHQARIEIESFYEGEDFSETLTRAKFEELNMDLFRSTMKPV
QKVLEDSDLKKSDIDEIVLVGGSTRIPKIQQLVKEFFNGKEPSRGINPDEAVAYGAAVQAGVLSGDQDTGDLVLLDVCPL
TLGIETVGGVMTKLIPRNTVVPTKKSQIFSTASDNQPTVTIKVYEGERPLTKDNHLLGTFDLTGIPPAPRGVPQIEVTFE
IDVNGILRVTAEDKGTGNKNKITITNDQNRLTPEEIERMVNDAEKFA
;
A
2 'polypeptide(L)'
;GKLEARAALNQALEMKRQGKREKAQKLFMHALKMDPDFVDALTEFGIFSEEDKDIIQADYLYTRALAISPYHEKALVNRD
RALPLVEEIDQRYFSIIDSKVKKVMSIPKGNSALRRVMEETYYHHIYHTVAIGGNTLTLSEIRHILETRYAVPGKSDEEQ
NEVIGMHAAMKYINTTLVSRIGSVTISDVLEIHRRVLGYVDPVEAGRFRTTQVLVGHHIPPHPQDVEKQMQEFVQWLNSE
EAMNLHPVEFAALAHYKLVYIHPFIDGNGRTSRLLMNLILMQAGYPPITIRKEQRSDYYHVLCAANEGDVRPFIRFIAKC
TETTLDTLLFATTEYSVALPEAQP
;
B
#
# COMPACT_ATOMS: atom_id res chain seq x y z
N GLY A 4 8.57 26.05 -14.02
CA GLY A 4 9.26 25.28 -13.00
C GLY A 4 8.50 25.21 -11.69
N SER A 5 9.10 24.56 -10.69
CA SER A 5 8.48 24.44 -9.38
C SER A 5 8.71 25.66 -8.50
N GLY A 6 9.57 26.59 -8.92
CA GLY A 6 9.84 27.74 -8.09
C GLY A 6 10.60 27.36 -6.83
N THR A 7 10.31 28.09 -5.75
CA THR A 7 10.90 27.83 -4.45
C THR A 7 9.89 27.03 -3.62
N VAL A 8 10.17 25.75 -3.41
CA VAL A 8 9.27 24.88 -2.67
C VAL A 8 9.44 25.15 -1.18
N VAL A 9 8.34 25.40 -0.49
CA VAL A 9 8.36 25.70 0.94
C VAL A 9 7.83 24.49 1.71
N GLY A 10 8.18 24.45 2.99
CA GLY A 10 7.69 23.43 3.91
C GLY A 10 6.72 24.05 4.89
N ILE A 11 5.52 23.48 4.96
CA ILE A 11 4.44 24.00 5.79
C ILE A 11 4.01 22.93 6.77
N ASP A 12 4.13 23.23 8.06
CA ASP A 12 3.55 22.42 9.11
C ASP A 12 2.11 22.88 9.32
N LEU A 13 1.14 22.09 8.87
CA LEU A 13 -0.28 22.41 9.02
C LEU A 13 -0.79 21.68 10.26
N GLY A 14 -0.64 22.32 11.43
CA GLY A 14 -1.01 21.71 12.68
C GLY A 14 -2.47 21.92 13.05
N THR A 15 -2.92 21.13 14.02
CA THR A 15 -4.29 21.28 14.52
C THR A 15 -4.51 22.64 15.13
N THR A 16 -3.55 23.11 15.93
CA THR A 16 -3.66 24.41 16.59
C THR A 16 -2.71 25.47 16.04
N TYR A 17 -1.51 25.08 15.61
CA TYR A 17 -0.48 26.04 15.20
C TYR A 17 0.18 25.58 13.91
N SER A 18 0.31 26.50 12.97
CA SER A 18 0.96 26.25 11.69
C SER A 18 2.27 27.02 11.60
N CYS A 19 3.19 26.50 10.78
CA CYS A 19 4.52 27.07 10.66
C CYS A 19 5.06 26.77 9.27
N VAL A 20 5.70 27.78 8.66
CA VAL A 20 6.23 27.68 7.31
C VAL A 20 7.73 27.92 7.34
N GLY A 21 8.47 27.13 6.56
CA GLY A 21 9.91 27.29 6.48
C GLY A 21 10.40 26.93 5.10
N VAL A 22 11.63 27.36 4.80
CA VAL A 22 12.23 27.13 3.50
C VAL A 22 13.69 26.74 3.68
N PHE A 23 14.18 25.84 2.84
CA PHE A 23 15.60 25.53 2.73
C PHE A 23 16.14 26.29 1.53
N LYS A 24 16.96 27.31 1.78
CA LYS A 24 17.45 28.18 0.73
C LYS A 24 18.84 28.68 1.11
N ASN A 25 19.70 28.82 0.11
CA ASN A 25 21.06 29.35 0.32
C ASN A 25 21.83 28.53 1.34
N GLY A 26 21.71 27.21 1.27
CA GLY A 26 22.50 26.33 2.11
C GLY A 26 22.09 26.27 3.57
N ARG A 27 20.84 26.61 3.89
CA ARG A 27 20.38 26.56 5.27
C ARG A 27 18.86 26.51 5.27
N VAL A 28 18.31 26.13 6.43
CA VAL A 28 16.87 26.09 6.64
C VAL A 28 16.48 27.24 7.57
N GLU A 29 15.40 27.94 7.21
CA GLU A 29 14.92 29.07 8.00
C GLU A 29 13.43 28.94 8.24
N ILE A 30 13.00 29.25 9.47
CA ILE A 30 11.58 29.44 9.75
C ILE A 30 11.23 30.88 9.39
N ILE A 31 10.12 31.05 8.67
CA ILE A 31 9.71 32.36 8.17
C ILE A 31 8.66 32.92 9.11
N ALA A 32 8.89 34.16 9.57
CA ALA A 32 7.96 34.82 10.46
C ALA A 32 6.85 35.52 9.67
N ASN A 33 5.69 35.65 10.30
CA ASN A 33 4.55 36.29 9.65
C ASN A 33 4.64 37.80 9.80
N ASP A 34 3.60 38.50 9.33
CA ASP A 34 3.60 39.96 9.34
C ASP A 34 3.60 40.55 10.75
N GLN A 35 3.36 39.73 11.77
CA GLN A 35 3.44 40.18 13.17
C GLN A 35 4.71 39.70 13.85
N GLY A 36 5.71 39.25 13.09
CA GLY A 36 6.97 38.85 13.66
C GLY A 36 6.94 37.54 14.42
N ASN A 37 5.95 36.69 14.17
CA ASN A 37 5.78 35.44 14.90
C ASN A 37 6.23 34.28 14.03
N ARG A 38 7.07 33.41 14.60
CA ARG A 38 7.59 32.27 13.84
C ARG A 38 6.54 31.17 13.66
N ILE A 39 5.45 31.21 14.42
CA ILE A 39 4.41 30.19 14.38
C ILE A 39 3.05 30.88 14.43
N THR A 40 2.13 30.45 13.57
CA THR A 40 0.84 31.09 13.39
C THR A 40 -0.28 30.15 13.80
N PRO A 41 -1.25 30.60 14.60
CA PRO A 41 -2.36 29.72 14.99
C PRO A 41 -3.24 29.37 13.81
N SER A 42 -3.72 28.12 13.79
CA SER A 42 -4.61 27.63 12.74
C SER A 42 -6.03 28.13 13.02
N TYR A 43 -6.22 29.42 12.78
CA TYR A 43 -7.47 30.10 13.09
C TYR A 43 -7.98 30.84 11.87
N VAL A 44 -9.30 30.84 11.70
CA VAL A 44 -9.97 31.60 10.65
C VAL A 44 -11.21 32.24 11.27
N ALA A 45 -11.41 33.52 11.00
CA ALA A 45 -12.54 34.25 11.56
C ALA A 45 -13.14 35.18 10.52
N PHE A 46 -14.42 35.50 10.71
CA PHE A 46 -15.14 36.44 9.85
C PHE A 46 -15.76 37.50 10.75
N THR A 47 -15.31 38.74 10.61
CA THR A 47 -15.82 39.83 11.43
C THR A 47 -17.24 40.19 10.99
N PRO A 48 -18.04 40.77 11.89
CA PRO A 48 -19.37 41.25 11.49
C PRO A 48 -19.34 42.34 10.44
N GLU A 49 -18.21 43.04 10.29
CA GLU A 49 -18.06 44.05 9.24
C GLU A 49 -17.78 43.43 7.86
N GLY A 50 -17.51 42.13 7.80
CA GLY A 50 -17.24 41.46 6.54
C GLY A 50 -15.79 41.18 6.24
N GLU A 51 -14.89 41.40 7.20
CA GLU A 51 -13.47 41.20 6.98
C GLU A 51 -13.07 39.78 7.40
N ARG A 52 -12.30 39.11 6.56
CA ARG A 52 -11.83 37.76 6.85
C ARG A 52 -10.46 37.83 7.52
N LEU A 53 -10.32 37.10 8.63
CA LEU A 53 -9.09 37.09 9.41
C LEU A 53 -8.53 35.67 9.45
N ILE A 54 -7.21 35.56 9.33
CA ILE A 54 -6.51 34.28 9.41
C ILE A 54 -5.29 34.46 10.29
N GLY A 55 -5.12 33.57 11.26
CA GLY A 55 -3.91 33.52 12.05
C GLY A 55 -4.06 34.26 13.38
N ASP A 56 -3.08 35.11 13.68
CA ASP A 56 -3.07 35.81 14.97
C ASP A 56 -4.30 36.69 15.14
N ALA A 57 -4.69 37.40 14.07
CA ALA A 57 -5.84 38.29 14.17
C ALA A 57 -7.13 37.51 14.39
N ALA A 58 -7.26 36.35 13.77
CA ALA A 58 -8.47 35.54 13.95
C ALA A 58 -8.59 35.04 15.38
N LYS A 59 -7.47 34.67 16.00
CA LYS A 59 -7.51 34.18 17.37
C LYS A 59 -7.67 35.30 18.38
N ASN A 60 -7.09 36.48 18.11
CA ASN A 60 -7.14 37.59 19.06
C ASN A 60 -8.52 38.19 19.19
N GLN A 61 -9.48 37.80 18.35
CA GLN A 61 -10.86 38.25 18.46
C GLN A 61 -11.82 37.10 18.74
N LEU A 62 -11.29 35.94 19.14
CA LEU A 62 -12.14 34.77 19.40
C LEU A 62 -13.14 35.04 20.51
N THR A 63 -12.73 35.74 21.56
CA THR A 63 -13.61 35.94 22.71
C THR A 63 -14.81 36.80 22.36
N SER A 64 -14.60 37.86 21.58
CA SER A 64 -15.69 38.76 21.24
C SER A 64 -16.49 38.29 20.02
N ASN A 65 -16.03 37.22 19.34
CA ASN A 65 -16.75 36.68 18.18
C ASN A 65 -16.49 35.18 18.11
N PRO A 66 -17.07 34.41 19.03
CA PRO A 66 -16.80 32.97 19.04
C PRO A 66 -17.60 32.17 18.03
N GLU A 67 -18.75 32.67 17.58
CA GLU A 67 -19.56 31.89 16.64
C GLU A 67 -18.98 31.91 15.24
N ASN A 68 -18.35 33.02 14.84
CA ASN A 68 -17.79 33.17 13.50
C ASN A 68 -16.27 32.96 13.49
N THR A 69 -15.72 32.32 14.52
CA THR A 69 -14.31 31.99 14.57
C THR A 69 -14.17 30.48 14.43
N VAL A 70 -13.40 30.05 13.43
CA VAL A 70 -13.25 28.64 13.10
C VAL A 70 -11.83 28.20 13.46
N PHE A 71 -11.73 27.09 14.17
CA PHE A 71 -10.44 26.53 14.58
C PHE A 71 -10.60 25.03 14.74
N ASP A 72 -9.46 24.35 14.86
CA ASP A 72 -9.42 22.89 15.03
C ASP A 72 -10.13 22.17 13.89
N ALA A 73 -10.13 22.75 12.69
CA ALA A 73 -10.73 22.09 11.54
C ALA A 73 -10.01 20.80 11.18
N LYS A 74 -8.77 20.62 11.66
CA LYS A 74 -8.04 19.39 11.42
C LYS A 74 -8.70 18.19 12.08
N ARG A 75 -9.54 18.43 13.09
CA ARG A 75 -10.30 17.36 13.72
C ARG A 75 -11.61 17.07 12.99
N LEU A 76 -11.86 17.73 11.86
CA LEU A 76 -13.02 17.44 11.03
C LEU A 76 -12.69 17.07 9.59
N ILE A 77 -11.46 17.32 9.13
CA ILE A 77 -11.10 17.00 7.75
C ILE A 77 -11.06 15.49 7.58
N GLY A 78 -11.50 15.02 6.41
CA GLY A 78 -11.46 13.60 6.10
C GLY A 78 -12.36 12.74 6.97
N ARG A 79 -13.38 13.33 7.58
CA ARG A 79 -14.31 12.60 8.43
C ARG A 79 -15.72 12.71 7.87
N THR A 80 -16.61 11.86 8.37
CA THR A 80 -18.00 11.84 7.98
C THR A 80 -18.87 12.42 9.09
N TRP A 81 -20.12 12.72 8.74
CA TRP A 81 -21.04 13.30 9.71
C TRP A 81 -21.35 12.34 10.85
N ASN A 82 -21.37 11.05 10.57
CA ASN A 82 -21.69 10.04 11.58
C ASN A 82 -20.48 9.62 12.41
N ASP A 83 -19.34 10.28 12.24
CA ASP A 83 -18.15 9.96 13.02
C ASP A 83 -18.41 10.29 14.49
N PRO A 84 -18.27 9.34 15.41
CA PRO A 84 -18.46 9.66 16.84
C PRO A 84 -17.56 10.77 17.34
N SER A 85 -16.34 10.89 16.81
CA SER A 85 -15.48 12.00 17.20
C SER A 85 -16.04 13.33 16.69
N VAL A 86 -16.65 13.32 15.51
CA VAL A 86 -17.23 14.55 14.97
C VAL A 86 -18.42 14.98 15.80
N GLN A 87 -19.37 14.07 16.03
CA GLN A 87 -20.56 14.42 16.80
C GLN A 87 -20.22 14.87 18.21
N GLN A 88 -19.15 14.32 18.79
CA GLN A 88 -18.76 14.74 20.13
C GLN A 88 -18.07 16.10 20.12
N ASP A 89 -17.33 16.41 19.06
CA ASP A 89 -16.66 17.71 18.97
C ASP A 89 -17.64 18.83 18.67
N ILE A 90 -18.82 18.53 18.13
CA ILE A 90 -19.81 19.58 17.86
C ILE A 90 -20.22 20.27 19.15
N LYS A 91 -20.43 19.50 20.21
CA LYS A 91 -20.83 20.06 21.50
C LYS A 91 -19.76 20.96 22.11
N PHE A 92 -18.52 20.86 21.64
CA PHE A 92 -17.40 21.58 22.24
C PHE A 92 -16.86 22.70 21.36
N LEU A 93 -17.41 22.89 20.16
CA LEU A 93 -16.94 23.94 19.27
C LEU A 93 -17.96 25.07 19.19
N PRO A 94 -17.52 26.33 19.29
CA PRO A 94 -18.48 27.44 19.33
C PRO A 94 -19.07 27.81 17.99
N PHE A 95 -18.59 27.24 16.89
CA PHE A 95 -19.11 27.57 15.56
C PHE A 95 -20.06 26.47 15.07
N LYS A 96 -20.93 26.86 14.15
CA LYS A 96 -21.98 25.96 13.68
C LYS A 96 -21.40 24.98 12.66
N VAL A 97 -21.72 23.70 12.84
CA VAL A 97 -21.29 22.64 11.92
C VAL A 97 -22.54 21.89 11.47
N VAL A 98 -22.77 21.88 10.16
CA VAL A 98 -23.95 21.26 9.57
C VAL A 98 -23.52 20.12 8.67
N GLU A 99 -24.49 19.24 8.36
CA GLU A 99 -24.24 18.09 7.51
C GLU A 99 -24.46 18.47 6.05
N LYS A 100 -23.52 18.08 5.20
CA LYS A 100 -23.61 18.35 3.76
C LYS A 100 -22.84 17.26 3.03
N LYS A 101 -23.55 16.50 2.19
CA LYS A 101 -22.98 15.35 1.49
C LYS A 101 -22.38 14.35 2.47
N THR A 102 -23.10 14.09 3.56
CA THR A 102 -22.69 13.19 4.64
C THR A 102 -21.36 13.59 5.27
N LYS A 103 -20.95 14.84 5.09
CA LYS A 103 -19.70 15.35 5.62
C LYS A 103 -19.97 16.55 6.53
N PRO A 104 -19.16 16.75 7.57
CA PRO A 104 -19.33 17.93 8.43
C PRO A 104 -18.84 19.18 7.73
N TYR A 105 -19.73 20.16 7.58
CA TYR A 105 -19.42 21.43 6.97
C TYR A 105 -19.60 22.55 8.00
N ILE A 106 -18.81 23.60 7.85
CA ILE A 106 -18.80 24.72 8.78
C ILE A 106 -19.61 25.87 8.19
N GLN A 107 -20.58 26.37 8.96
CA GLN A 107 -21.42 27.49 8.55
C GLN A 107 -21.16 28.67 9.47
N VAL A 108 -20.86 29.83 8.88
CA VAL A 108 -20.53 31.04 9.61
C VAL A 108 -21.23 32.23 8.96
N ASP A 109 -21.19 33.37 9.66
CA ASP A 109 -21.73 34.62 9.16
C ASP A 109 -20.56 35.50 8.71
N ILE A 110 -20.60 35.94 7.45
CA ILE A 110 -19.51 36.73 6.89
C ILE A 110 -19.91 38.19 6.83
N GLY A 111 -20.82 38.60 7.71
CA GLY A 111 -21.27 39.97 7.76
C GLY A 111 -22.36 40.27 6.75
N GLY A 112 -23.13 41.32 7.03
CA GLY A 112 -24.22 41.69 6.17
C GLY A 112 -25.40 40.74 6.18
N GLY A 113 -25.49 39.88 7.20
CA GLY A 113 -26.56 38.92 7.30
C GLY A 113 -26.45 37.72 6.39
N GLN A 114 -25.38 37.62 5.60
CA GLN A 114 -25.20 36.52 4.67
C GLN A 114 -24.33 35.45 5.31
N THR A 115 -24.78 34.21 5.25
CA THR A 115 -24.08 33.08 5.85
C THR A 115 -23.59 32.14 4.74
N LYS A 116 -22.30 31.86 4.74
CA LYS A 116 -21.70 30.93 3.80
C LYS A 116 -21.31 29.65 4.53
N THR A 117 -21.26 28.55 3.78
CA THR A 117 -20.88 27.25 4.32
C THR A 117 -19.59 26.79 3.69
N PHE A 118 -18.61 26.42 4.52
CA PHE A 118 -17.28 26.03 4.06
C PHE A 118 -17.02 24.58 4.40
N ALA A 119 -16.41 23.85 3.46
CA ALA A 119 -15.92 22.53 3.75
C ALA A 119 -14.68 22.63 4.65
N PRO A 120 -14.41 21.60 5.45
CA PRO A 120 -13.19 21.64 6.28
C PRO A 120 -11.91 21.80 5.48
N GLU A 121 -11.90 21.30 4.23
CA GLU A 121 -10.75 21.54 3.36
C GLU A 121 -10.61 23.02 3.02
N GLU A 122 -11.73 23.74 2.90
CA GLU A 122 -11.66 25.17 2.60
C GLU A 122 -11.13 25.96 3.79
N ILE A 123 -11.43 25.53 5.02
CA ILE A 123 -10.89 26.21 6.19
C ILE A 123 -9.39 26.00 6.27
N SER A 124 -8.93 24.77 6.06
CA SER A 124 -7.49 24.51 6.05
C SER A 124 -6.81 25.20 4.87
N ALA A 125 -7.52 25.35 3.75
CA ALA A 125 -6.95 26.05 2.61
C ALA A 125 -6.65 27.50 2.95
N MET A 126 -7.47 28.13 3.79
CA MET A 126 -7.21 29.50 4.21
C MET A 126 -5.96 29.58 5.08
N VAL A 127 -5.77 28.61 5.98
CA VAL A 127 -4.56 28.59 6.80
C VAL A 127 -3.33 28.38 5.92
N LEU A 128 -3.41 27.44 4.97
CA LEU A 128 -2.31 27.24 4.03
C LEU A 128 -2.08 28.48 3.17
N THR A 129 -3.13 29.21 2.85
CA THR A 129 -2.98 30.45 2.10
C THR A 129 -2.20 31.49 2.90
N LYS A 130 -2.50 31.60 4.20
CA LYS A 130 -1.75 32.53 5.05
C LYS A 130 -0.28 32.11 5.15
N MET A 131 -0.01 30.81 5.17
CA MET A 131 1.37 30.34 5.18
C MET A 131 2.03 30.57 3.83
N LYS A 132 1.29 30.41 2.74
CA LYS A 132 1.84 30.68 1.42
C LYS A 132 2.20 32.16 1.28
N GLU A 133 1.28 33.04 1.69
CA GLU A 133 1.54 34.48 1.60
C GLU A 133 2.67 34.91 2.54
N THR A 134 2.81 34.23 3.68
CA THR A 134 3.92 34.53 4.58
C THR A 134 5.25 34.26 3.90
N ALA A 135 5.36 33.11 3.21
CA ALA A 135 6.59 32.82 2.48
C ALA A 135 6.75 33.71 1.26
N GLU A 136 5.65 34.10 0.61
CA GLU A 136 5.75 34.96 -0.57
C GLU A 136 6.23 36.35 -0.20
N ALA A 137 5.80 36.86 0.96
CA ALA A 137 6.28 38.16 1.40
C ALA A 137 7.76 38.12 1.74
N TYR A 138 8.26 36.97 2.19
CA TYR A 138 9.67 36.83 2.55
C TYR A 138 10.54 36.61 1.33
N LEU A 139 10.12 35.71 0.44
CA LEU A 139 10.88 35.42 -0.76
C LEU A 139 10.73 36.48 -1.83
N GLY A 140 9.65 37.26 -1.80
CA GLY A 140 9.44 38.28 -2.82
C GLY A 140 8.96 37.72 -4.14
N LYS A 141 8.31 36.57 -4.13
CA LYS A 141 7.81 35.95 -5.36
C LYS A 141 6.73 34.95 -5.00
N LYS A 142 5.96 34.56 -6.00
CA LYS A 142 4.84 33.65 -5.78
C LYS A 142 5.34 32.25 -5.45
N VAL A 143 4.64 31.58 -4.54
CA VAL A 143 4.93 30.21 -4.16
C VAL A 143 3.82 29.32 -4.69
N THR A 144 4.19 28.32 -5.50
CA THR A 144 3.22 27.43 -6.12
C THR A 144 3.32 25.99 -5.63
N HIS A 145 4.47 25.57 -5.11
CA HIS A 145 4.67 24.21 -4.63
C HIS A 145 5.00 24.23 -3.14
N ALA A 146 4.71 23.12 -2.47
CA ALA A 146 4.93 23.05 -1.03
C ALA A 146 4.95 21.59 -0.59
N VAL A 147 5.55 21.37 0.58
CA VAL A 147 5.51 20.10 1.27
C VAL A 147 4.75 20.32 2.58
N VAL A 148 3.61 19.65 2.73
CA VAL A 148 2.71 19.85 3.86
C VAL A 148 2.80 18.66 4.79
N THR A 149 2.83 18.94 6.09
CA THR A 149 2.93 17.88 7.08
C THR A 149 1.55 17.30 7.40
N VAL A 150 1.51 16.01 7.69
CA VAL A 150 0.31 15.36 8.19
C VAL A 150 0.72 14.47 9.36
N PRO A 151 -0.17 14.18 10.31
CA PRO A 151 0.15 13.20 11.34
C PRO A 151 0.43 11.84 10.73
N ALA A 152 1.41 11.13 11.30
CA ALA A 152 1.79 9.83 10.76
C ALA A 152 0.63 8.84 10.76
N TYR A 153 -0.36 9.04 11.63
CA TYR A 153 -1.47 8.10 11.77
C TYR A 153 -2.71 8.55 10.99
N PHE A 154 -2.60 9.58 10.15
CA PHE A 154 -3.71 9.98 9.29
C PHE A 154 -4.10 8.83 8.37
N ASN A 155 -5.41 8.63 8.20
CA ASN A 155 -5.90 7.59 7.32
C ASN A 155 -5.97 8.13 5.89
N ASP A 156 -6.51 7.31 4.98
CA ASP A 156 -6.53 7.68 3.56
C ASP A 156 -7.35 8.94 3.33
N ALA A 157 -8.54 9.01 3.94
CA ALA A 157 -9.41 10.17 3.72
C ALA A 157 -8.78 11.44 4.28
N GLN A 158 -8.13 11.36 5.43
CA GLN A 158 -7.50 12.54 6.02
C GLN A 158 -6.32 13.01 5.17
N ARG A 159 -5.58 12.08 4.58
CA ARG A 159 -4.45 12.47 3.73
C ARG A 159 -4.93 13.11 2.44
N GLN A 160 -5.95 12.52 1.81
CA GLN A 160 -6.47 13.11 0.57
C GLN A 160 -7.12 14.47 0.83
N ALA A 161 -7.77 14.63 1.99
CA ALA A 161 -8.39 15.91 2.30
C ALA A 161 -7.35 17.00 2.49
N THR A 162 -6.22 16.67 3.09
CA THR A 162 -5.16 17.65 3.28
C THR A 162 -4.59 18.10 1.93
N LYS A 163 -4.39 17.16 1.00
CA LYS A 163 -3.94 17.54 -0.33
C LYS A 163 -4.98 18.40 -1.04
N ASP A 164 -6.26 18.10 -0.84
CA ASP A 164 -7.31 18.95 -1.42
C ASP A 164 -7.26 20.35 -0.85
N ALA A 165 -6.95 20.49 0.44
CA ALA A 165 -6.83 21.81 1.04
C ALA A 165 -5.71 22.60 0.39
N GLY A 166 -4.59 21.94 0.08
CA GLY A 166 -3.51 22.61 -0.62
C GLY A 166 -3.89 22.99 -2.03
N THR A 167 -4.66 22.13 -2.71
CA THR A 167 -5.13 22.45 -4.05
C THR A 167 -6.00 23.70 -4.04
N ILE A 168 -6.90 23.81 -3.06
CA ILE A 168 -7.77 24.98 -2.96
C ILE A 168 -6.95 26.23 -2.62
N ALA A 169 -5.90 26.08 -1.81
CA ALA A 169 -5.03 27.20 -1.48
C ALA A 169 -4.13 27.61 -2.64
N GLY A 170 -4.25 26.98 -3.80
CA GLY A 170 -3.41 27.32 -4.93
C GLY A 170 -2.03 26.70 -4.89
N LEU A 171 -1.88 25.59 -4.20
CA LEU A 171 -0.59 24.93 -4.00
C LEU A 171 -0.56 23.57 -4.66
N ASN A 172 0.57 23.26 -5.28
CA ASN A 172 0.86 21.90 -5.74
C ASN A 172 1.58 21.21 -4.60
N VAL A 173 0.86 20.38 -3.85
CA VAL A 173 1.45 19.65 -2.74
C VAL A 173 2.35 18.55 -3.30
N MET A 174 3.65 18.83 -3.38
CA MET A 174 4.58 17.86 -3.94
C MET A 174 4.67 16.61 -3.07
N ARG A 175 4.41 16.76 -1.77
CA ARG A 175 4.54 15.64 -0.83
C ARG A 175 3.87 15.97 0.49
N ILE A 176 3.07 15.05 1.01
CA ILE A 176 2.65 15.11 2.41
C ILE A 176 3.61 14.23 3.20
N ILE A 177 4.23 14.80 4.23
CA ILE A 177 5.27 14.14 5.00
C ILE A 177 4.73 13.91 6.41
N ASN A 178 4.93 12.70 6.92
CA ASN A 178 4.51 12.40 8.29
C ASN A 178 5.35 13.20 9.28
N GLU A 179 4.70 13.65 10.35
CA GLU A 179 5.37 14.54 11.30
C GLU A 179 6.62 13.93 11.93
N PRO A 180 6.60 12.71 12.47
CA PRO A 180 7.83 12.17 13.06
C PRO A 180 8.95 11.98 12.04
N THR A 181 8.60 11.63 10.80
CA THR A 181 9.60 11.58 9.75
C THR A 181 10.21 12.94 9.51
N ALA A 182 9.37 13.99 9.46
CA ALA A 182 9.89 15.34 9.31
C ALA A 182 10.75 15.74 10.51
N ALA A 183 10.31 15.38 11.71
CA ALA A 183 11.11 15.68 12.90
C ALA A 183 12.45 14.96 12.87
N ALA A 184 12.47 13.72 12.36
CA ALA A 184 13.72 12.99 12.26
C ALA A 184 14.68 13.66 11.30
N ILE A 185 14.15 14.21 10.19
CA ILE A 185 14.99 14.96 9.26
C ILE A 185 15.66 16.14 9.95
N ALA A 186 14.90 16.86 10.77
CA ALA A 186 15.47 18.00 11.48
C ALA A 186 16.51 17.56 12.50
N TYR A 187 16.37 16.35 13.05
CA TYR A 187 17.34 15.86 14.02
C TYR A 187 18.65 15.48 13.35
N GLY A 188 18.57 14.87 12.16
CA GLY A 188 19.74 14.37 11.45
C GLY A 188 20.35 15.33 10.46
N LEU A 189 19.92 16.59 10.44
CA LEU A 189 20.44 17.55 9.48
C LEU A 189 21.90 17.89 9.76
N ASP A 190 22.30 17.91 11.03
CA ASP A 190 23.66 18.28 11.42
C ASP A 190 24.48 17.08 11.87
N LYS A 191 23.99 15.86 11.69
CA LYS A 191 24.63 14.67 12.21
C LYS A 191 24.93 13.68 11.10
N ARG A 192 26.15 13.12 11.13
CA ARG A 192 26.57 12.05 10.23
C ARG A 192 27.34 11.06 11.09
N GLU A 193 26.59 10.19 11.79
CA GLU A 193 27.16 9.33 12.81
C GLU A 193 26.85 7.84 12.55
N GLY A 194 26.56 7.48 11.32
CA GLY A 194 26.27 6.09 11.02
C GLY A 194 24.84 5.71 11.39
N GLU A 195 24.66 4.41 11.60
CA GLU A 195 23.33 3.86 11.85
C GLU A 195 22.95 4.06 13.32
N LYS A 196 21.80 4.70 13.56
CA LYS A 196 21.29 4.93 14.89
C LYS A 196 19.79 4.65 14.90
N ASN A 197 19.30 4.15 16.04
CA ASN A 197 17.88 3.91 16.24
C ASN A 197 17.28 5.06 17.03
N ILE A 198 16.27 5.71 16.45
CA ILE A 198 15.66 6.91 17.03
C ILE A 198 14.19 6.64 17.30
N LEU A 199 13.71 7.07 18.45
CA LEU A 199 12.29 7.03 18.79
C LEU A 199 11.77 8.46 18.90
N VAL A 200 10.87 8.82 17.99
CA VAL A 200 10.31 10.17 17.93
C VAL A 200 8.96 10.17 18.65
N PHE A 201 8.81 11.09 19.61
CA PHE A 201 7.60 11.22 20.41
C PHE A 201 6.96 12.56 20.03
N ASP A 202 5.92 12.50 19.20
CA ASP A 202 5.23 13.67 18.66
C ASP A 202 3.89 13.82 19.34
N LEU A 203 3.78 14.79 20.26
CA LEU A 203 2.53 15.08 20.97
C LEU A 203 2.26 16.57 20.84
N GLY A 204 1.24 16.92 20.06
CA GLY A 204 0.95 18.31 19.80
C GLY A 204 -0.39 18.78 20.33
N GLY A 205 -1.06 19.64 19.58
CA GLY A 205 -2.33 20.20 20.01
C GLY A 205 -3.50 19.27 19.79
N GLY A 206 -3.51 18.55 18.67
CA GLY A 206 -4.64 17.70 18.35
C GLY A 206 -4.31 16.27 18.00
N ALA A 207 -3.05 15.98 17.68
CA ALA A 207 -2.65 14.64 17.24
C ALA A 207 -1.50 14.13 18.07
N PHE A 208 -1.23 12.82 17.95
CA PHE A 208 -0.18 12.16 18.70
C PHE A 208 0.41 11.04 17.84
N ASP A 209 1.74 11.08 17.69
CA ASP A 209 2.46 10.12 16.87
C ASP A 209 3.70 9.63 17.61
N VAL A 210 4.02 8.34 17.44
CA VAL A 210 5.26 7.76 17.92
C VAL A 210 5.82 6.90 16.80
N SER A 211 7.01 7.24 16.34
CA SER A 211 7.67 6.51 15.26
C SER A 211 9.05 6.04 15.72
N LEU A 212 9.42 4.84 15.29
CA LEU A 212 10.76 4.30 15.51
C LEU A 212 11.47 4.27 14.16
N LEU A 213 12.55 5.02 14.04
CA LEU A 213 13.29 5.16 12.79
C LEU A 213 14.72 4.66 12.95
N THR A 214 15.24 4.09 11.87
CA THR A 214 16.64 3.72 11.76
C THR A 214 17.31 4.71 10.81
N ILE A 215 18.11 5.62 11.37
CA ILE A 215 18.76 6.67 10.59
C ILE A 215 20.13 6.19 10.18
N ASP A 216 20.58 6.63 9.00
CA ASP A 216 21.91 6.25 8.53
C ASP A 216 22.41 7.21 7.46
N ASN A 217 22.98 8.34 7.87
CA ASN A 217 23.69 9.28 7.00
C ASN A 217 22.83 9.67 5.79
N GLY A 218 21.64 10.19 6.08
CA GLY A 218 20.74 10.67 5.06
C GLY A 218 19.60 9.75 4.71
N VAL A 219 19.68 8.48 5.12
CA VAL A 219 18.61 7.52 4.90
C VAL A 219 17.77 7.45 6.16
N PHE A 220 16.46 7.66 6.01
CA PHE A 220 15.51 7.62 7.12
C PHE A 220 14.56 6.47 6.87
N GLU A 221 14.63 5.45 7.73
CA GLU A 221 13.86 4.21 7.57
C GLU A 221 12.89 4.10 8.74
N VAL A 222 11.61 4.35 8.48
CA VAL A 222 10.59 4.21 9.51
C VAL A 222 10.29 2.73 9.70
N VAL A 223 10.53 2.23 10.91
CA VAL A 223 10.33 0.81 11.18
C VAL A 223 8.91 0.54 11.67
N ALA A 224 8.40 1.36 12.59
CA ALA A 224 7.06 1.19 13.12
C ALA A 224 6.52 2.53 13.59
N THR A 225 5.22 2.74 13.38
CA THR A 225 4.56 3.96 13.82
C THR A 225 3.19 3.61 14.39
N ASN A 226 2.73 4.44 15.33
CA ASN A 226 1.45 4.23 16.00
C ASN A 226 1.13 5.48 16.80
N GLY A 227 -0.15 5.82 16.86
CA GLY A 227 -0.54 7.01 17.60
C GLY A 227 -2.03 7.23 17.55
N ASP A 228 -2.42 8.47 17.81
CA ASP A 228 -3.83 8.87 17.86
C ASP A 228 -3.96 10.22 17.19
N THR A 229 -4.82 10.30 16.18
CA THR A 229 -5.06 11.56 15.48
C THR A 229 -5.97 12.51 16.24
N HIS A 230 -6.52 12.08 17.38
CA HIS A 230 -7.45 12.88 18.17
C HIS A 230 -7.03 12.88 19.63
N LEU A 231 -5.75 13.19 19.88
CA LEU A 231 -5.23 13.25 21.24
C LEU A 231 -4.11 14.29 21.27
N GLY A 232 -4.31 15.35 22.04
CA GLY A 232 -3.30 16.39 22.10
C GLY A 232 -3.61 17.39 23.19
N GLY A 233 -3.05 18.60 23.01
CA GLY A 233 -3.20 19.64 24.00
C GLY A 233 -4.62 20.15 24.14
N GLU A 234 -5.39 20.13 23.05
CA GLU A 234 -6.78 20.58 23.11
C GLU A 234 -7.58 19.74 24.09
N ASP A 235 -7.29 18.44 24.17
CA ASP A 235 -7.98 17.59 25.13
C ASP A 235 -7.50 17.85 26.55
N PHE A 236 -6.25 18.30 26.71
CA PHE A 236 -5.75 18.64 28.03
C PHE A 236 -6.42 19.92 28.55
N ASP A 237 -6.63 20.90 27.66
CA ASP A 237 -7.31 22.12 28.06
C ASP A 237 -8.76 21.86 28.43
N GLN A 238 -9.43 20.98 27.68
CA GLN A 238 -10.84 20.69 27.96
C GLN A 238 -11.03 20.08 29.34
N ARG A 239 -10.09 19.23 29.77
CA ARG A 239 -10.17 18.67 31.11
C ARG A 239 -10.09 19.77 32.16
N VAL A 240 -9.25 20.78 31.92
CA VAL A 240 -9.16 21.91 32.85
C VAL A 240 -10.39 22.80 32.71
N MET A 241 -10.90 22.96 31.48
CA MET A 241 -12.11 23.74 31.27
C MET A 241 -13.30 23.13 32.00
N GLU A 242 -13.51 21.82 31.82
CA GLU A 242 -14.63 21.17 32.47
C GLU A 242 -14.50 21.19 33.98
N HIS A 243 -13.26 21.24 34.49
CA HIS A 243 -13.06 21.30 35.94
C HIS A 243 -13.50 22.64 36.50
N PHE A 244 -13.16 23.74 35.84
CA PHE A 244 -13.53 25.06 36.34
C PHE A 244 -14.97 25.43 36.03
N ILE A 245 -15.59 24.82 35.01
CA ILE A 245 -17.00 25.05 34.77
C ILE A 245 -17.84 24.47 35.91
N LYS A 246 -17.50 23.26 36.35
CA LYS A 246 -18.18 22.67 37.50
C LYS A 246 -17.87 23.44 38.78
N LEU A 247 -16.65 23.94 38.90
CA LEU A 247 -16.29 24.72 40.09
C LEU A 247 -17.02 26.05 40.13
N TYR A 248 -17.17 26.70 38.97
CA TYR A 248 -17.90 27.96 38.92
C TYR A 248 -19.38 27.73 39.19
N LYS A 249 -19.93 26.61 38.71
CA LYS A 249 -21.31 26.28 39.02
C LYS A 249 -21.49 26.02 40.51
N LYS A 250 -20.47 25.45 41.16
CA LYS A 250 -20.56 25.14 42.57
C LYS A 250 -20.52 26.41 43.42
N LYS A 251 -19.78 27.43 42.99
CA LYS A 251 -19.60 28.64 43.78
C LYS A 251 -20.72 29.65 43.56
N THR A 252 -21.24 29.76 42.33
CA THR A 252 -22.20 30.79 41.99
C THR A 252 -23.56 30.25 41.57
N GLY A 253 -23.69 28.95 41.30
CA GLY A 253 -24.93 28.41 40.80
C GLY A 253 -25.21 28.69 39.35
N LYS A 254 -24.28 29.34 38.64
CA LYS A 254 -24.46 29.67 37.23
C LYS A 254 -23.88 28.55 36.36
N ASP A 255 -24.56 28.26 35.26
CA ASP A 255 -24.09 27.31 34.27
C ASP A 255 -23.68 28.09 33.03
N VAL A 256 -22.38 28.28 32.86
CA VAL A 256 -21.85 29.06 31.74
C VAL A 256 -21.63 28.17 30.53
N ARG A 257 -22.16 26.95 30.60
CA ARG A 257 -21.93 25.96 29.55
C ARG A 257 -22.45 26.44 28.20
N LYS A 258 -23.61 27.09 28.18
CA LYS A 258 -24.25 27.52 26.95
C LYS A 258 -23.77 28.88 26.46
N ASP A 259 -22.90 29.55 27.21
CA ASP A 259 -22.38 30.86 26.82
C ASP A 259 -21.06 30.66 26.07
N ASN A 260 -21.08 30.88 24.75
CA ASN A 260 -19.87 30.72 23.96
C ASN A 260 -18.80 31.74 24.33
N ARG A 261 -19.21 32.96 24.67
CA ARG A 261 -18.24 34.00 25.00
C ARG A 261 -17.51 33.68 26.30
N ALA A 262 -18.22 33.15 27.30
CA ALA A 262 -17.57 32.82 28.57
C ALA A 262 -16.69 31.58 28.44
N VAL A 263 -17.18 30.55 27.74
CA VAL A 263 -16.41 29.31 27.61
C VAL A 263 -15.11 29.56 26.85
N GLN A 264 -15.18 30.35 25.77
CA GLN A 264 -13.97 30.60 24.98
C GLN A 264 -12.99 31.48 25.74
N LYS A 265 -13.47 32.38 26.59
CA LYS A 265 -12.56 33.13 27.45
C LYS A 265 -11.81 32.20 28.40
N LEU A 266 -12.51 31.19 28.93
CA LEU A 266 -11.86 30.24 29.82
C LEU A 266 -10.86 29.37 29.08
N ARG A 267 -11.18 28.99 27.84
CA ARG A 267 -10.27 28.14 27.07
C ARG A 267 -8.95 28.86 26.78
N ARG A 268 -9.03 30.15 26.45
CA ARG A 268 -7.82 30.92 26.17
C ARG A 268 -6.94 31.03 27.41
N GLU A 269 -7.54 31.35 28.56
CA GLU A 269 -6.76 31.50 29.78
C GLU A 269 -6.28 30.16 30.33
N VAL A 270 -7.05 29.09 30.09
CA VAL A 270 -6.58 27.77 30.50
C VAL A 270 -5.36 27.35 29.69
N GLU A 271 -5.38 27.62 28.39
CA GLU A 271 -4.23 27.30 27.54
C GLU A 271 -3.01 28.12 27.94
N LYS A 272 -3.22 29.39 28.30
CA LYS A 272 -2.11 30.21 28.79
C LYS A 272 -1.54 29.66 30.10
N ALA A 273 -2.43 29.25 31.01
CA ALA A 273 -1.96 28.74 32.29
C ALA A 273 -1.24 27.40 32.14
N LYS A 274 -1.65 26.60 31.15
CA LYS A 274 -0.96 25.34 30.90
C LYS A 274 0.48 25.57 30.49
N ARG A 275 0.72 26.61 29.67
CA ARG A 275 2.07 26.92 29.24
C ARG A 275 2.94 27.35 30.41
N ALA A 276 2.37 28.14 31.33
CA ALA A 276 3.14 28.57 32.49
C ALA A 276 3.46 27.42 33.41
N LEU A 277 2.54 26.45 33.55
CA LEU A 277 2.75 25.33 34.45
C LEU A 277 3.83 24.37 33.97
N SER A 278 4.36 24.55 32.75
CA SER A 278 5.52 23.79 32.32
C SER A 278 6.82 24.31 32.92
N SER A 279 6.82 25.55 33.40
CA SER A 279 7.97 26.10 34.10
C SER A 279 7.63 26.65 35.48
N GLN A 280 6.35 26.72 35.85
CA GLN A 280 5.91 27.13 37.18
C GLN A 280 5.13 26.00 37.81
N HIS A 281 4.87 26.14 39.11
CA HIS A 281 4.06 25.16 39.84
C HIS A 281 2.63 25.64 40.09
N GLN A 282 2.37 26.94 40.00
CA GLN A 282 1.03 27.48 40.16
C GLN A 282 0.83 28.59 39.15
N ALA A 283 -0.38 28.66 38.59
CA ALA A 283 -0.75 29.68 37.63
C ALA A 283 -2.15 30.19 37.94
N ARG A 284 -2.33 31.51 37.83
CA ARG A 284 -3.61 32.14 38.12
C ARG A 284 -4.40 32.36 36.85
N ILE A 285 -5.72 32.25 36.96
CA ILE A 285 -6.63 32.46 35.84
C ILE A 285 -7.60 33.56 36.24
N GLU A 286 -7.44 34.74 35.63
CA GLU A 286 -8.27 35.90 35.93
C GLU A 286 -9.04 36.28 34.67
N ILE A 287 -10.37 36.35 34.80
CA ILE A 287 -11.23 36.77 33.70
C ILE A 287 -12.24 37.80 34.19
N GLU A 288 -12.04 39.07 33.86
CA GLU A 288 -13.00 40.09 34.25
C GLU A 288 -14.21 40.05 33.32
N SER A 289 -15.38 40.34 33.89
CA SER A 289 -16.65 40.25 33.17
C SER A 289 -16.80 38.89 32.50
N PHE A 290 -16.55 37.84 33.29
CA PHE A 290 -16.56 36.48 32.75
C PHE A 290 -17.97 36.05 32.37
N TYR A 291 -18.94 36.25 33.26
CA TYR A 291 -20.32 35.85 32.99
C TYR A 291 -21.25 36.77 33.77
N GLU A 292 -22.09 37.51 33.04
CA GLU A 292 -23.05 38.44 33.63
C GLU A 292 -22.37 39.47 34.52
N GLY A 293 -21.21 39.97 34.06
CA GLY A 293 -20.49 40.97 34.81
C GLY A 293 -19.77 40.47 36.03
N GLU A 294 -19.73 39.16 36.25
CA GLU A 294 -19.04 38.56 37.39
C GLU A 294 -17.66 38.10 36.95
N ASP A 295 -16.64 38.46 37.73
CA ASP A 295 -15.26 38.15 37.37
C ASP A 295 -14.88 36.75 37.82
N PHE A 296 -13.92 36.16 37.12
CA PHE A 296 -13.41 34.82 37.39
C PHE A 296 -12.01 34.94 37.96
N SER A 297 -11.74 34.20 39.04
CA SER A 297 -10.43 34.26 39.69
C SER A 297 -10.17 32.92 40.38
N GLU A 298 -9.31 32.10 39.78
CA GLU A 298 -8.93 30.82 40.35
C GLU A 298 -7.47 30.55 40.07
N THR A 299 -6.89 29.65 40.86
CA THR A 299 -5.49 29.25 40.74
C THR A 299 -5.42 27.78 40.33
N LEU A 300 -4.65 27.51 39.28
CA LEU A 300 -4.45 26.16 38.77
C LEU A 300 -3.05 25.68 39.14
N THR A 301 -2.98 24.62 39.92
CA THR A 301 -1.72 24.03 40.31
C THR A 301 -1.26 23.01 39.26
N ARG A 302 0.06 22.88 39.10
CA ARG A 302 0.59 21.84 38.24
C ARG A 302 0.12 20.46 38.67
N ALA A 303 0.08 20.22 39.98
CA ALA A 303 -0.40 18.94 40.49
C ALA A 303 -1.86 18.71 40.12
N LYS A 304 -2.67 19.78 40.14
CA LYS A 304 -4.06 19.65 39.74
C LYS A 304 -4.18 19.45 38.23
N PHE A 305 -3.35 20.14 37.45
CA PHE A 305 -3.36 19.96 36.00
C PHE A 305 -2.95 18.55 35.62
N GLU A 306 -1.94 18.00 36.30
CA GLU A 306 -1.55 16.62 36.06
C GLU A 306 -2.63 15.65 36.52
N GLU A 307 -3.36 16.00 37.58
CA GLU A 307 -4.41 15.13 38.08
C GLU A 307 -5.56 15.02 37.09
N LEU A 308 -5.93 16.14 36.45
CA LEU A 308 -7.03 16.14 35.50
C LEU A 308 -6.71 15.43 34.20
N ASN A 309 -5.43 15.16 33.91
CA ASN A 309 -5.02 14.57 32.64
C ASN A 309 -4.13 13.35 32.82
N MET A 310 -4.07 12.79 34.03
CA MET A 310 -3.14 11.70 34.27
C MET A 310 -3.49 10.46 33.45
N ASP A 311 -4.79 10.21 33.23
CA ASP A 311 -5.17 9.08 32.39
C ASP A 311 -4.73 9.28 30.95
N LEU A 312 -4.82 10.52 30.45
CA LEU A 312 -4.39 10.80 29.08
C LEU A 312 -2.87 10.78 28.98
N PHE A 313 -2.18 11.30 29.99
CA PHE A 313 -0.72 11.30 29.96
C PHE A 313 -0.16 9.89 29.97
N ARG A 314 -0.76 9.00 30.76
CA ARG A 314 -0.28 7.62 30.81
C ARG A 314 -0.60 6.85 29.54
N SER A 315 -1.68 7.23 28.85
CA SER A 315 -2.06 6.52 27.63
C SER A 315 -1.07 6.74 26.49
N THR A 316 -0.25 7.78 26.56
CA THR A 316 0.73 8.05 25.52
C THR A 316 1.87 7.04 25.52
N MET A 317 1.95 6.17 26.53
CA MET A 317 3.00 5.16 26.57
C MET A 317 2.64 3.92 25.77
N LYS A 318 1.36 3.68 25.50
CA LYS A 318 0.96 2.51 24.73
C LYS A 318 1.52 2.53 23.31
N PRO A 319 1.45 3.63 22.55
CA PRO A 319 2.09 3.61 21.22
C PRO A 319 3.59 3.37 21.29
N VAL A 320 4.26 3.84 22.34
CA VAL A 320 5.68 3.54 22.48
C VAL A 320 5.89 2.06 22.68
N GLN A 321 4.97 1.40 23.39
CA GLN A 321 5.07 -0.05 23.58
C GLN A 321 4.76 -0.80 22.29
N LYS A 322 3.83 -0.29 21.48
CA LYS A 322 3.44 -1.01 20.28
C LYS A 322 4.52 -0.94 19.20
N VAL A 323 5.19 0.21 19.07
CA VAL A 323 6.23 0.33 18.05
C VAL A 323 7.44 -0.52 18.40
N LEU A 324 7.69 -0.75 19.70
CA LEU A 324 8.78 -1.63 20.09
C LEU A 324 8.42 -3.09 19.83
N GLU A 325 7.15 -3.47 20.06
CA GLU A 325 6.73 -4.84 19.80
C GLU A 325 6.71 -5.13 18.32
N ASP A 326 6.26 -4.18 17.50
CA ASP A 326 6.20 -4.40 16.06
C ASP A 326 7.59 -4.44 15.45
N SER A 327 8.52 -3.65 15.97
CA SER A 327 9.87 -3.59 15.45
C SER A 327 10.78 -4.68 16.03
N ASP A 328 10.28 -5.47 16.98
CA ASP A 328 11.09 -6.50 17.65
C ASP A 328 12.37 -5.92 18.22
N LEU A 329 12.25 -4.76 18.86
CA LEU A 329 13.38 -4.09 19.48
C LEU A 329 13.07 -3.83 20.95
N LYS A 330 14.12 -3.84 21.77
CA LYS A 330 14.02 -3.57 23.19
C LYS A 330 14.37 -2.11 23.47
N LYS A 331 14.17 -1.71 24.73
CA LYS A 331 14.47 -0.33 25.12
C LYS A 331 15.95 -0.02 24.97
N SER A 332 16.82 -1.01 25.20
CA SER A 332 18.26 -0.83 25.06
C SER A 332 18.70 -0.59 23.62
N ASP A 333 17.84 -0.89 22.64
CA ASP A 333 18.19 -0.69 21.24
C ASP A 333 17.99 0.74 20.78
N ILE A 334 17.20 1.52 21.50
CA ILE A 334 16.97 2.92 21.14
C ILE A 334 18.20 3.73 21.52
N ASP A 335 18.78 4.43 20.55
CA ASP A 335 19.98 5.22 20.79
C ASP A 335 19.66 6.62 21.32
N GLU A 336 18.63 7.27 20.77
CA GLU A 336 18.24 8.59 21.22
C GLU A 336 16.73 8.70 21.21
N ILE A 337 16.20 9.54 22.10
CA ILE A 337 14.77 9.85 22.18
C ILE A 337 14.59 11.31 21.80
N VAL A 338 13.67 11.57 20.88
CA VAL A 338 13.43 12.91 20.35
C VAL A 338 12.00 13.31 20.69
N LEU A 339 11.86 14.33 21.52
CA LEU A 339 10.56 14.87 21.91
C LEU A 339 10.22 16.05 21.02
N VAL A 340 9.12 15.94 20.28
CA VAL A 340 8.66 17.02 19.40
C VAL A 340 7.18 17.25 19.65
N GLY A 341 6.74 18.45 19.30
CA GLY A 341 5.38 18.86 19.59
C GLY A 341 5.30 19.74 20.82
N GLY A 342 4.33 20.65 20.82
CA GLY A 342 4.21 21.60 21.91
C GLY A 342 3.88 20.97 23.25
N SER A 343 3.10 19.88 23.23
CA SER A 343 2.70 19.24 24.48
C SER A 343 3.82 18.45 25.15
N THR A 344 4.95 18.22 24.47
CA THR A 344 6.07 17.55 25.12
C THR A 344 6.82 18.47 26.07
N ARG A 345 6.51 19.76 26.08
CA ARG A 345 7.08 20.67 27.08
C ARG A 345 6.55 20.41 28.47
N ILE A 346 5.45 19.68 28.61
CA ILE A 346 4.87 19.32 29.90
C ILE A 346 5.88 18.49 30.69
N PRO A 347 6.25 18.91 31.90
CA PRO A 347 7.24 18.13 32.66
C PRO A 347 6.79 16.71 32.98
N LYS A 348 5.49 16.51 33.18
CA LYS A 348 5.00 15.16 33.48
C LYS A 348 5.16 14.24 32.27
N ILE A 349 4.95 14.78 31.06
CA ILE A 349 5.15 13.97 29.85
C ILE A 349 6.61 13.55 29.73
N GLN A 350 7.53 14.51 29.91
CA GLN A 350 8.94 14.18 29.88
C GLN A 350 9.32 13.20 30.99
N GLN A 351 8.60 13.25 32.11
CA GLN A 351 8.90 12.31 33.20
C GLN A 351 8.42 10.90 32.86
N LEU A 352 7.25 10.78 32.24
CA LEU A 352 6.74 9.46 31.88
C LEU A 352 7.57 8.82 30.78
N VAL A 353 7.99 9.61 29.80
CA VAL A 353 8.85 9.08 28.75
C VAL A 353 10.20 8.67 29.31
N LYS A 354 10.77 9.51 30.19
CA LYS A 354 12.07 9.19 30.77
C LYS A 354 11.99 7.94 31.65
N GLU A 355 10.93 7.82 32.45
CA GLU A 355 10.79 6.64 33.30
C GLU A 355 10.43 5.40 32.49
N PHE A 356 9.78 5.57 31.35
CA PHE A 356 9.55 4.43 30.47
C PHE A 356 10.86 3.84 29.98
N PHE A 357 11.81 4.70 29.61
CA PHE A 357 13.12 4.28 29.15
C PHE A 357 14.15 4.23 30.26
N ASN A 358 13.72 3.98 31.50
CA ASN A 358 14.62 3.71 32.62
C ASN A 358 15.58 4.87 32.88
N GLY A 359 15.06 6.09 32.79
CA GLY A 359 15.82 7.26 33.13
C GLY A 359 16.70 7.83 32.03
N LYS A 360 16.57 7.33 30.80
CA LYS A 360 17.39 7.84 29.71
C LYS A 360 16.99 9.26 29.35
N GLU A 361 17.95 10.17 29.34
CA GLU A 361 17.66 11.56 29.01
C GLU A 361 17.32 11.69 27.53
N PRO A 362 16.27 12.42 27.18
CA PRO A 362 15.96 12.65 25.76
C PRO A 362 17.02 13.53 25.11
N SER A 363 17.04 13.49 23.78
CA SER A 363 17.96 14.31 23.02
C SER A 363 17.45 15.74 22.96
N ARG A 364 18.26 16.68 23.43
CA ARG A 364 17.93 18.09 23.41
C ARG A 364 18.66 18.79 22.27
N GLY A 365 18.10 19.92 21.84
CA GLY A 365 18.73 20.69 20.78
C GLY A 365 17.77 21.30 19.78
N ILE A 366 16.76 20.55 19.38
CA ILE A 366 15.79 21.02 18.39
C ILE A 366 14.57 21.56 19.11
N ASN A 367 14.08 22.71 18.66
CA ASN A 367 12.85 23.29 19.19
C ASN A 367 11.68 22.35 18.90
N PRO A 368 11.02 21.81 19.93
CA PRO A 368 9.91 20.88 19.67
C PRO A 368 8.72 21.51 18.97
N ASP A 369 8.57 22.84 19.05
CA ASP A 369 7.47 23.51 18.36
C ASP A 369 7.70 23.60 16.86
N GLU A 370 8.96 23.61 16.43
CA GLU A 370 9.30 23.85 15.03
C GLU A 370 9.98 22.67 14.35
N ALA A 371 10.22 21.56 15.06
CA ALA A 371 10.98 20.46 14.49
C ALA A 371 10.30 19.88 13.25
N VAL A 372 8.97 19.71 13.31
CA VAL A 372 8.25 19.18 12.16
C VAL A 372 8.32 20.16 11.00
N ALA A 373 8.29 21.45 11.28
CA ALA A 373 8.35 22.45 10.22
C ALA A 373 9.73 22.49 9.58
N TYR A 374 10.79 22.26 10.35
CA TYR A 374 12.13 22.23 9.78
C TYR A 374 12.27 21.09 8.78
N GLY A 375 11.87 19.89 9.18
CA GLY A 375 12.02 18.74 8.29
C GLY A 375 11.20 18.85 7.03
N ALA A 376 10.01 19.46 7.12
CA ALA A 376 9.22 19.67 5.91
C ALA A 376 9.92 20.60 4.95
N ALA A 377 10.59 21.62 5.47
CA ALA A 377 11.34 22.54 4.60
C ALA A 377 12.56 21.86 3.97
N VAL A 378 13.23 21.00 4.74
CA VAL A 378 14.39 20.30 4.20
C VAL A 378 13.96 19.35 3.08
N GLN A 379 12.87 18.60 3.30
CA GLN A 379 12.34 17.75 2.25
C GLN A 379 11.88 18.57 1.05
N ALA A 380 11.33 19.77 1.31
CA ALA A 380 10.95 20.65 0.21
C ALA A 380 12.17 21.08 -0.60
N GLY A 381 13.28 21.38 0.08
CA GLY A 381 14.51 21.69 -0.64
C GLY A 381 15.03 20.52 -1.45
N VAL A 382 14.83 19.30 -0.95
CA VAL A 382 15.26 18.12 -1.71
C VAL A 382 14.45 17.98 -2.99
N LEU A 383 13.14 18.13 -2.90
CA LEU A 383 12.28 17.96 -4.07
C LEU A 383 12.48 19.06 -5.10
N SER A 384 13.02 20.20 -4.71
CA SER A 384 13.29 21.28 -5.64
C SER A 384 14.67 21.18 -6.29
N GLY A 385 15.47 20.18 -5.90
CA GLY A 385 16.80 20.03 -6.46
C GLY A 385 17.77 21.08 -5.96
N ASP A 386 17.82 21.29 -4.66
CA ASP A 386 18.71 22.29 -4.08
C ASP A 386 20.12 21.72 -3.96
N GLN A 387 21.11 22.52 -4.32
CA GLN A 387 22.50 22.08 -4.41
C GLN A 387 23.14 21.81 -3.05
N ASP A 388 22.42 21.95 -1.95
CA ASP A 388 23.02 21.80 -0.63
C ASP A 388 22.15 20.93 0.29
N THR A 389 21.35 20.05 -0.29
CA THR A 389 20.47 19.19 0.49
C THR A 389 21.05 17.82 0.76
N GLY A 390 21.68 17.20 -0.23
CA GLY A 390 22.21 15.86 -0.09
C GLY A 390 21.24 14.82 -0.63
N ASP A 391 21.63 13.56 -0.45
CA ASP A 391 20.84 12.42 -0.94
C ASP A 391 19.89 11.94 0.16
N LEU A 392 18.94 12.80 0.50
CA LEU A 392 17.95 12.49 1.52
C LEU A 392 16.93 11.52 0.95
N VAL A 393 16.80 10.36 1.59
CA VAL A 393 15.89 9.31 1.14
C VAL A 393 15.01 8.90 2.33
N LEU A 394 13.69 8.93 2.12
CA LEU A 394 12.73 8.60 3.15
C LEU A 394 12.07 7.28 2.80
N LEU A 395 12.25 6.28 3.65
CA LEU A 395 11.58 4.99 3.51
C LEU A 395 10.45 4.90 4.53
N ASP A 396 9.40 5.66 4.27
CA ASP A 396 8.28 5.75 5.18
C ASP A 396 7.30 4.60 4.93
N VAL A 397 6.39 4.40 5.89
CA VAL A 397 5.48 3.26 5.88
C VAL A 397 4.05 3.76 5.99
N CYS A 398 3.11 2.82 5.84
CA CYS A 398 1.71 3.11 6.07
C CYS A 398 1.34 2.77 7.52
N PRO A 399 0.53 3.60 8.17
CA PRO A 399 0.26 3.39 9.59
C PRO A 399 -0.78 2.32 9.86
N LEU A 400 -1.71 2.15 8.92
CA LEU A 400 -2.88 1.31 9.12
C LEU A 400 -2.84 0.11 8.18
N THR A 401 -3.33 -1.03 8.67
CA THR A 401 -3.44 -2.24 7.87
C THR A 401 -4.65 -2.14 6.97
N LEU A 402 -4.44 -2.29 5.66
CA LEU A 402 -5.53 -2.32 4.70
C LEU A 402 -6.06 -3.75 4.56
N GLY A 403 -7.38 -3.90 4.62
CA GLY A 403 -7.98 -5.22 4.55
C GLY A 403 -9.30 -5.19 3.80
N ILE A 404 -9.80 -6.39 3.53
CA ILE A 404 -11.06 -6.59 2.81
C ILE A 404 -12.02 -7.30 3.75
N GLU A 405 -13.29 -6.88 3.73
CA GLU A 405 -14.32 -7.53 4.51
C GLU A 405 -14.83 -8.75 3.76
N THR A 406 -14.47 -9.94 4.24
CA THR A 406 -14.95 -11.18 3.65
C THR A 406 -16.27 -11.58 4.30
N VAL A 407 -16.79 -12.74 3.90
CA VAL A 407 -18.06 -13.21 4.45
C VAL A 407 -17.90 -13.48 5.94
N GLY A 408 -18.78 -12.89 6.74
CA GLY A 408 -18.71 -13.01 8.18
C GLY A 408 -18.10 -11.83 8.89
N GLY A 409 -17.81 -10.73 8.18
CA GLY A 409 -17.22 -9.57 8.80
C GLY A 409 -15.78 -9.75 9.23
N VAL A 410 -15.03 -10.60 8.54
CA VAL A 410 -13.66 -10.90 8.91
C VAL A 410 -12.72 -9.91 8.22
N MET A 411 -11.71 -9.46 8.95
CA MET A 411 -10.72 -8.52 8.42
C MET A 411 -9.57 -9.32 7.81
N THR A 412 -9.59 -9.47 6.49
CA THR A 412 -8.55 -10.19 5.77
C THR A 412 -7.47 -9.21 5.34
N LYS A 413 -6.27 -9.37 5.88
CA LYS A 413 -5.22 -8.38 5.69
C LYS A 413 -4.67 -8.42 4.28
N LEU A 414 -4.68 -7.26 3.61
CA LEU A 414 -4.05 -7.09 2.31
C LEU A 414 -2.64 -6.54 2.47
N ILE A 415 -2.53 -5.31 2.95
CA ILE A 415 -1.27 -4.64 3.19
C ILE A 415 -1.14 -4.43 4.71
N PRO A 416 -0.25 -5.15 5.38
CA PRO A 416 -0.12 -4.99 6.83
C PRO A 416 0.45 -3.61 7.18
N ARG A 417 0.27 -3.25 8.45
CA ARG A 417 0.78 -1.97 8.94
C ARG A 417 2.30 -1.96 8.90
N ASN A 418 2.86 -0.75 8.88
CA ASN A 418 4.31 -0.53 8.84
C ASN A 418 4.93 -1.09 7.57
N THR A 419 4.15 -1.17 6.49
CA THR A 419 4.66 -1.58 5.20
C THR A 419 5.23 -0.37 4.47
N VAL A 420 6.44 -0.50 3.95
CA VAL A 420 7.11 0.63 3.31
C VAL A 420 6.35 1.05 2.06
N VAL A 421 6.13 2.35 1.93
CA VAL A 421 5.40 2.91 0.79
C VAL A 421 6.39 3.57 -0.14
N PRO A 422 6.13 3.62 -1.46
CA PRO A 422 4.94 3.04 -2.11
C PRO A 422 4.99 1.52 -2.23
N THR A 423 3.82 0.89 -2.20
CA THR A 423 3.71 -0.55 -2.29
C THR A 423 2.46 -0.92 -3.07
N LYS A 424 2.52 -2.07 -3.75
CA LYS A 424 1.41 -2.60 -4.52
C LYS A 424 1.03 -3.98 -4.01
N LYS A 425 -0.26 -4.28 -4.04
CA LYS A 425 -0.78 -5.58 -3.64
C LYS A 425 -1.93 -5.94 -4.56
N SER A 426 -1.85 -7.11 -5.19
CA SER A 426 -2.86 -7.57 -6.12
C SER A 426 -3.49 -8.86 -5.60
N GLN A 427 -4.77 -9.04 -5.90
CA GLN A 427 -5.51 -10.22 -5.46
C GLN A 427 -6.65 -10.49 -6.43
N ILE A 428 -6.92 -11.77 -6.67
CA ILE A 428 -7.93 -12.19 -7.64
C ILE A 428 -9.30 -12.21 -6.97
N PHE A 429 -10.28 -11.63 -7.63
CA PHE A 429 -11.67 -11.66 -7.19
C PHE A 429 -12.54 -12.22 -8.30
N SER A 430 -13.62 -12.89 -7.92
CA SER A 430 -14.53 -13.52 -8.87
C SER A 430 -15.96 -13.22 -8.47
N THR A 431 -16.89 -13.80 -9.22
CA THR A 431 -18.32 -13.60 -9.00
C THR A 431 -18.90 -14.77 -8.22
N ALA A 432 -20.02 -14.50 -7.53
CA ALA A 432 -20.71 -15.50 -6.76
C ALA A 432 -21.92 -16.09 -7.47
N SER A 433 -22.58 -15.30 -8.34
CA SER A 433 -23.74 -15.76 -9.07
C SER A 433 -23.44 -15.77 -10.57
N ASP A 434 -24.27 -16.49 -11.31
CA ASP A 434 -24.10 -16.59 -12.75
C ASP A 434 -24.47 -15.28 -13.43
N ASN A 435 -23.68 -14.91 -14.45
CA ASN A 435 -23.91 -13.69 -15.23
C ASN A 435 -23.90 -12.45 -14.34
N GLN A 436 -23.02 -12.46 -13.33
CA GLN A 436 -22.94 -11.34 -12.40
C GLN A 436 -22.14 -10.20 -13.03
N PRO A 437 -22.73 -9.02 -13.23
CA PRO A 437 -22.01 -7.93 -13.91
C PRO A 437 -21.22 -7.02 -12.98
N THR A 438 -21.34 -7.15 -11.67
CA THR A 438 -20.68 -6.24 -10.74
C THR A 438 -20.24 -7.00 -9.50
N VAL A 439 -19.00 -6.78 -9.08
CA VAL A 439 -18.45 -7.34 -7.85
C VAL A 439 -18.10 -6.18 -6.92
N THR A 440 -18.56 -6.27 -5.68
CA THR A 440 -18.38 -5.21 -4.69
C THR A 440 -17.33 -5.60 -3.67
N ILE A 441 -16.36 -4.72 -3.46
CA ILE A 441 -15.28 -4.94 -2.50
C ILE A 441 -15.29 -3.79 -1.49
N LYS A 442 -15.15 -4.13 -0.21
CA LYS A 442 -15.13 -3.14 0.86
C LYS A 442 -13.76 -3.16 1.52
N VAL A 443 -13.06 -2.03 1.49
CA VAL A 443 -11.72 -1.89 2.05
C VAL A 443 -11.81 -1.24 3.42
N TYR A 444 -11.06 -1.77 4.37
CA TYR A 444 -11.07 -1.28 5.74
C TYR A 444 -9.65 -0.97 6.21
N GLU A 445 -9.56 -0.06 7.18
CA GLU A 445 -8.30 0.31 7.82
C GLU A 445 -8.39 -0.02 9.30
N GLY A 446 -7.38 -0.72 9.81
CA GLY A 446 -7.36 -1.05 11.22
C GLY A 446 -6.65 -2.37 11.46
N GLU A 447 -6.49 -2.69 12.74
CA GLU A 447 -5.79 -3.89 13.18
C GLU A 447 -6.70 -4.90 13.85
N ARG A 448 -7.98 -4.61 14.01
CA ARG A 448 -8.87 -5.52 14.72
C ARG A 448 -9.26 -6.70 13.83
N PRO A 449 -9.60 -7.84 14.44
CA PRO A 449 -9.92 -9.03 13.61
C PRO A 449 -11.21 -8.89 12.83
N LEU A 450 -12.15 -8.09 13.28
CA LEU A 450 -13.44 -7.92 12.60
C LEU A 450 -13.55 -6.52 12.03
N THR A 451 -14.09 -6.43 10.81
CA THR A 451 -14.20 -5.13 10.14
C THR A 451 -15.17 -4.20 10.84
N LYS A 452 -16.07 -4.72 11.68
CA LYS A 452 -16.98 -3.86 12.43
C LYS A 452 -16.22 -2.96 13.39
N ASP A 453 -15.06 -3.39 13.86
CA ASP A 453 -14.23 -2.60 14.76
C ASP A 453 -13.21 -1.73 14.04
N ASN A 454 -13.03 -1.91 12.74
CA ASN A 454 -12.07 -1.14 11.97
C ASN A 454 -12.76 -0.03 11.19
N HIS A 455 -11.96 0.91 10.70
CA HIS A 455 -12.49 2.05 9.96
C HIS A 455 -12.71 1.68 8.49
N LEU A 456 -13.87 2.08 7.96
CA LEU A 456 -14.21 1.80 6.57
C LEU A 456 -13.51 2.81 5.66
N LEU A 457 -12.64 2.33 4.79
CA LEU A 457 -11.97 3.21 3.83
C LEU A 457 -12.87 3.53 2.65
N GLY A 458 -13.63 2.55 2.17
CA GLY A 458 -14.52 2.78 1.05
C GLY A 458 -15.08 1.49 0.45
N THR A 459 -16.20 1.61 -0.25
CA THR A 459 -16.84 0.49 -0.93
C THR A 459 -16.68 0.68 -2.43
N PHE A 460 -16.01 -0.27 -3.08
CA PHE A 460 -15.74 -0.20 -4.51
C PHE A 460 -16.54 -1.26 -5.24
N ASP A 461 -17.03 -0.91 -6.43
CA ASP A 461 -17.81 -1.81 -7.26
C ASP A 461 -17.13 -1.98 -8.61
N LEU A 462 -16.98 -3.23 -9.04
CA LEU A 462 -16.29 -3.56 -10.29
C LEU A 462 -17.35 -3.87 -11.34
N THR A 463 -17.73 -2.85 -12.11
CA THR A 463 -18.75 -3.00 -13.13
C THR A 463 -18.13 -3.34 -14.48
N GLY A 464 -18.99 -3.72 -15.43
CA GLY A 464 -18.56 -4.07 -16.76
C GLY A 464 -18.22 -5.53 -16.98
N ILE A 465 -18.59 -6.41 -16.05
CA ILE A 465 -18.27 -7.83 -16.18
C ILE A 465 -19.21 -8.45 -17.20
N PRO A 466 -18.71 -9.13 -18.22
CA PRO A 466 -19.58 -9.79 -19.20
C PRO A 466 -20.29 -10.98 -18.59
N PRO A 467 -21.39 -11.43 -19.18
CA PRO A 467 -22.09 -12.61 -18.65
C PRO A 467 -21.19 -13.84 -18.66
N ALA A 468 -21.18 -14.56 -17.54
CA ALA A 468 -20.38 -15.75 -17.36
C ALA A 468 -20.86 -16.52 -16.14
N PRO A 469 -20.64 -17.83 -16.07
CA PRO A 469 -21.01 -18.58 -14.86
C PRO A 469 -20.21 -18.11 -13.65
N ARG A 470 -20.66 -18.54 -12.48
CA ARG A 470 -20.00 -18.14 -11.24
C ARG A 470 -18.62 -18.78 -11.15
N GLY A 471 -17.66 -18.04 -10.59
CA GLY A 471 -16.30 -18.48 -10.46
C GLY A 471 -15.45 -18.36 -11.71
N VAL A 472 -16.06 -18.14 -12.87
CA VAL A 472 -15.34 -18.07 -14.14
C VAL A 472 -14.59 -16.74 -14.27
N PRO A 473 -15.20 -15.58 -14.01
CA PRO A 473 -14.45 -14.33 -14.15
C PRO A 473 -13.25 -14.27 -13.21
N GLN A 474 -12.16 -13.69 -13.72
CA GLN A 474 -10.90 -13.57 -12.98
C GLN A 474 -10.47 -12.11 -13.03
N ILE A 475 -10.91 -11.33 -12.04
CA ILE A 475 -10.60 -9.91 -11.96
C ILE A 475 -9.46 -9.72 -10.96
N GLU A 476 -8.33 -9.21 -11.44
CA GLU A 476 -7.20 -8.89 -10.57
C GLU A 476 -7.30 -7.43 -10.17
N VAL A 477 -7.57 -7.18 -8.88
CA VAL A 477 -7.66 -5.84 -8.34
C VAL A 477 -6.36 -5.50 -7.66
N THR A 478 -5.75 -4.37 -8.04
CA THR A 478 -4.49 -3.93 -7.49
C THR A 478 -4.72 -2.78 -6.52
N PHE A 479 -4.07 -2.85 -5.37
CA PHE A 479 -4.17 -1.82 -4.33
C PHE A 479 -2.79 -1.20 -4.17
N GLU A 480 -2.63 0.03 -4.65
CA GLU A 480 -1.36 0.74 -4.59
C GLU A 480 -1.48 1.91 -3.62
N ILE A 481 -0.56 1.96 -2.66
CA ILE A 481 -0.41 3.10 -1.76
C ILE A 481 0.76 3.92 -2.27
N ASP A 482 0.51 5.19 -2.58
CA ASP A 482 1.54 6.01 -3.19
C ASP A 482 2.51 6.53 -2.13
N VAL A 483 3.52 7.29 -2.58
CA VAL A 483 4.51 7.85 -1.67
C VAL A 483 3.87 8.79 -0.66
N ASN A 484 2.69 9.32 -0.96
CA ASN A 484 1.95 10.14 -0.02
C ASN A 484 1.15 9.32 0.98
N GLY A 485 1.14 7.99 0.85
CA GLY A 485 0.33 7.16 1.73
C GLY A 485 -1.12 7.06 1.34
N ILE A 486 -1.49 7.51 0.15
CA ILE A 486 -2.88 7.50 -0.32
C ILE A 486 -3.09 6.30 -1.22
N LEU A 487 -4.24 5.64 -1.06
CA LEU A 487 -4.55 4.41 -1.79
C LEU A 487 -5.17 4.72 -3.14
N ARG A 488 -4.82 3.89 -4.13
CA ARG A 488 -5.44 3.92 -5.45
C ARG A 488 -5.83 2.50 -5.83
N VAL A 489 -7.10 2.30 -6.19
CA VAL A 489 -7.65 0.98 -6.49
C VAL A 489 -7.89 0.89 -7.99
N THR A 490 -7.37 -0.16 -8.61
CA THR A 490 -7.58 -0.43 -10.01
C THR A 490 -7.90 -1.91 -10.20
N ALA A 491 -8.69 -2.20 -11.24
CA ALA A 491 -9.07 -3.57 -11.56
C ALA A 491 -8.79 -3.84 -13.02
N GLU A 492 -8.48 -5.11 -13.33
CA GLU A 492 -8.17 -5.52 -14.69
C GLU A 492 -8.58 -6.97 -14.87
N ASP A 493 -9.18 -7.26 -16.02
CA ASP A 493 -9.49 -8.64 -16.37
C ASP A 493 -8.19 -9.43 -16.55
N LYS A 494 -8.18 -10.66 -16.05
CA LYS A 494 -7.03 -11.53 -16.20
C LYS A 494 -7.34 -12.83 -16.93
N GLY A 495 -8.61 -13.15 -17.15
CA GLY A 495 -8.97 -14.31 -17.93
C GLY A 495 -8.62 -14.14 -19.40
N THR A 496 -8.63 -15.26 -20.10
CA THR A 496 -8.31 -15.26 -21.52
C THR A 496 -9.54 -14.84 -22.33
N GLY A 497 -9.32 -14.59 -23.61
CA GLY A 497 -10.37 -14.13 -24.49
C GLY A 497 -10.34 -12.63 -24.71
N ASN A 498 -11.51 -12.02 -24.85
CA ASN A 498 -11.60 -10.57 -25.04
C ASN A 498 -11.40 -9.88 -23.70
N LYS A 499 -10.34 -9.07 -23.61
CA LYS A 499 -10.04 -8.35 -22.39
C LYS A 499 -11.04 -7.22 -22.20
N ASN A 500 -11.94 -7.37 -21.25
CA ASN A 500 -13.01 -6.41 -21.02
C ASN A 500 -12.59 -5.38 -19.98
N LYS A 501 -12.93 -4.12 -20.24
CA LYS A 501 -12.58 -3.04 -19.33
C LYS A 501 -13.44 -3.12 -18.07
N ILE A 502 -12.80 -3.05 -16.91
CA ILE A 502 -13.47 -3.12 -15.62
C ILE A 502 -13.44 -1.72 -15.01
N THR A 503 -14.60 -1.08 -14.96
CA THR A 503 -14.73 0.25 -14.39
C THR A 503 -15.07 0.16 -12.91
N ILE A 504 -14.45 1.02 -12.11
CA ILE A 504 -14.61 1.03 -10.67
C ILE A 504 -15.32 2.32 -10.25
N THR A 505 -16.31 2.19 -9.37
CA THR A 505 -16.96 3.33 -8.73
C THR A 505 -16.96 3.11 -7.24
N ASN A 506 -16.89 4.21 -6.49
CA ASN A 506 -16.81 4.14 -5.03
C ASN A 506 -17.89 5.01 -4.40
N ASP A 507 -18.07 4.83 -3.09
CA ASP A 507 -19.02 5.62 -2.32
C ASP A 507 -18.32 6.50 -1.29
N GLN A 508 -17.04 6.81 -1.51
CA GLN A 508 -16.29 7.61 -0.53
C GLN A 508 -16.87 9.02 -0.40
N ASN A 509 -17.56 9.49 -1.44
CA ASN A 509 -18.23 10.79 -1.43
C ASN A 509 -17.28 11.93 -1.10
N ARG A 510 -16.03 11.81 -1.54
CA ARG A 510 -15.05 12.86 -1.33
C ARG A 510 -15.26 14.00 -2.33
N LEU A 511 -14.49 15.07 -2.16
CA LEU A 511 -14.63 16.23 -3.03
C LEU A 511 -14.25 15.88 -4.46
N THR A 512 -15.21 15.99 -5.37
CA THR A 512 -14.94 15.72 -6.78
C THR A 512 -14.16 16.88 -7.40
N PRO A 513 -13.46 16.63 -8.51
CA PRO A 513 -12.70 17.71 -9.15
C PRO A 513 -13.54 18.93 -9.52
N GLU A 514 -14.81 18.72 -9.87
CA GLU A 514 -15.67 19.87 -10.18
C GLU A 514 -16.00 20.66 -8.92
N GLU A 515 -16.16 19.99 -7.78
CA GLU A 515 -16.41 20.70 -6.53
C GLU A 515 -15.17 21.42 -6.05
N ILE A 516 -13.98 20.84 -6.28
CA ILE A 516 -12.74 21.49 -5.86
C ILE A 516 -12.47 22.73 -6.68
N GLU A 517 -12.71 22.67 -8.00
CA GLU A 517 -12.48 23.83 -8.85
C GLU A 517 -13.39 24.99 -8.46
N ARG A 518 -14.60 24.70 -7.98
CA ARG A 518 -15.46 25.76 -7.47
C ARG A 518 -14.86 26.38 -6.21
N MET A 519 -14.28 25.55 -5.33
CA MET A 519 -13.65 26.07 -4.13
C MET A 519 -12.36 26.81 -4.44
N VAL A 520 -11.67 26.43 -5.51
CA VAL A 520 -10.46 27.15 -5.91
C VAL A 520 -10.82 28.55 -6.42
N ASN A 521 -11.86 28.65 -7.25
CA ASN A 521 -12.29 29.96 -7.73
C ASN A 521 -12.88 30.81 -6.61
N ASP A 522 -13.57 30.19 -5.66
CA ASP A 522 -14.10 30.93 -4.52
C ASP A 522 -12.98 31.44 -3.63
N ALA A 523 -11.82 30.78 -3.63
CA ALA A 523 -10.67 31.25 -2.88
C ALA A 523 -9.88 32.30 -3.64
N GLU A 524 -9.84 32.21 -4.96
CA GLU A 524 -9.15 33.22 -5.76
C GLU A 524 -9.85 34.57 -5.73
N LYS A 525 -11.06 34.64 -5.21
CA LYS A 525 -11.79 35.91 -5.05
C LYS A 525 -11.43 36.62 -3.75
N PHE A 526 -10.17 36.54 -3.33
CA PHE A 526 -9.70 37.21 -2.12
C PHE A 526 -8.29 37.74 -2.31
N GLY B 1 8.47 10.86 -7.60
CA GLY B 1 9.18 11.65 -8.59
C GLY B 1 10.49 11.02 -9.02
N LYS B 2 10.95 11.38 -10.22
CA LYS B 2 12.20 10.82 -10.74
C LYS B 2 13.42 11.44 -10.08
N LEU B 3 13.33 12.69 -9.63
CA LEU B 3 14.45 13.33 -8.95
C LEU B 3 14.81 12.58 -7.66
N GLU B 4 13.82 12.02 -6.98
CA GLU B 4 14.07 11.28 -5.76
C GLU B 4 14.73 9.93 -6.03
N ALA B 5 14.61 9.40 -7.25
CA ALA B 5 15.17 8.10 -7.55
C ALA B 5 16.69 8.14 -7.57
N ARG B 6 17.26 9.23 -8.10
CA ARG B 6 18.71 9.35 -8.16
C ARG B 6 19.33 9.35 -6.76
N ALA B 7 18.64 9.98 -5.80
CA ALA B 7 19.15 9.98 -4.43
C ALA B 7 19.12 8.58 -3.83
N ALA B 8 18.03 7.84 -4.05
CA ALA B 8 17.94 6.49 -3.54
C ALA B 8 18.99 5.57 -4.18
N LEU B 9 19.34 5.84 -5.44
CA LEU B 9 20.40 5.06 -6.07
C LEU B 9 21.76 5.39 -5.49
N ASN B 10 22.02 6.67 -5.21
CA ASN B 10 23.30 7.05 -4.61
C ASN B 10 23.48 6.41 -3.25
N GLN B 11 22.44 6.44 -2.41
CA GLN B 11 22.53 5.80 -1.11
C GLN B 11 22.61 4.29 -1.22
N ALA B 12 21.92 3.69 -2.20
CA ALA B 12 22.03 2.25 -2.40
C ALA B 12 23.47 1.84 -2.70
N LEU B 13 24.14 2.59 -3.59
CA LEU B 13 25.54 2.31 -3.87
C LEU B 13 26.41 2.58 -2.64
N GLU B 14 26.08 3.61 -1.87
CA GLU B 14 26.84 3.91 -0.67
C GLU B 14 26.71 2.82 0.38
N MET B 15 25.50 2.28 0.53
CA MET B 15 25.30 1.19 1.49
C MET B 15 25.89 -0.12 1.00
N LYS B 16 26.05 -0.28 -0.32
CA LYS B 16 26.69 -1.50 -0.83
C LYS B 16 28.18 -1.50 -0.55
N ARG B 17 28.82 -0.33 -0.59
CA ARG B 17 30.25 -0.25 -0.31
C ARG B 17 30.55 -0.65 1.12
N GLN B 18 29.65 -0.32 2.06
CA GLN B 18 29.86 -0.59 3.47
C GLN B 18 29.43 -1.99 3.87
N GLY B 19 28.98 -2.82 2.93
CA GLY B 19 28.52 -4.15 3.27
C GLY B 19 27.11 -4.23 3.80
N LYS B 20 26.37 -3.12 3.78
CA LYS B 20 24.97 -3.11 4.23
C LYS B 20 24.07 -3.46 3.04
N ARG B 21 24.13 -4.72 2.65
CA ARG B 21 23.43 -5.15 1.44
C ARG B 21 21.92 -5.21 1.63
N GLU B 22 21.45 -5.51 2.85
CA GLU B 22 20.00 -5.55 3.07
C GLU B 22 19.38 -4.17 2.97
N LYS B 23 20.09 -3.14 3.45
CA LYS B 23 19.60 -1.78 3.29
C LYS B 23 19.77 -1.29 1.87
N ALA B 24 20.87 -1.66 1.22
CA ALA B 24 21.06 -1.30 -0.20
C ALA B 24 19.97 -1.93 -1.06
N GLN B 25 19.56 -3.15 -0.72
CA GLN B 25 18.46 -3.80 -1.44
C GLN B 25 17.19 -2.95 -1.38
N LYS B 26 16.84 -2.49 -0.17
CA LYS B 26 15.65 -1.65 -0.02
C LYS B 26 15.79 -0.36 -0.80
N LEU B 27 16.98 0.25 -0.79
CA LEU B 27 17.18 1.51 -1.51
C LEU B 27 17.11 1.31 -3.01
N PHE B 28 17.68 0.19 -3.51
CA PHE B 28 17.51 -0.14 -4.92
C PHE B 28 16.03 -0.29 -5.26
N MET B 29 15.27 -0.97 -4.40
CA MET B 29 13.85 -1.16 -4.64
C MET B 29 13.11 0.18 -4.63
N HIS B 30 13.44 1.05 -3.68
CA HIS B 30 12.79 2.35 -3.61
C HIS B 30 13.13 3.22 -4.82
N ALA B 31 14.37 3.13 -5.31
CA ALA B 31 14.74 3.88 -6.50
C ALA B 31 13.89 3.48 -7.70
N LEU B 32 13.70 2.18 -7.90
CA LEU B 32 12.90 1.71 -9.02
C LEU B 32 11.41 1.96 -8.81
N LYS B 33 10.97 2.15 -7.57
CA LYS B 33 9.59 2.54 -7.33
C LYS B 33 9.36 4.01 -7.66
N MET B 34 10.37 4.86 -7.47
CA MET B 34 10.27 6.27 -7.84
C MET B 34 10.43 6.47 -9.33
N ASP B 35 11.14 5.57 -10.00
CA ASP B 35 11.34 5.65 -11.45
C ASP B 35 11.54 4.23 -11.97
N PRO B 36 10.49 3.56 -12.44
CA PRO B 36 10.64 2.21 -12.98
C PRO B 36 11.53 2.12 -14.20
N ASP B 37 11.83 3.25 -14.85
CA ASP B 37 12.69 3.26 -16.04
C ASP B 37 14.07 3.83 -15.74
N PHE B 38 14.49 3.81 -14.48
CA PHE B 38 15.81 4.31 -14.10
C PHE B 38 16.86 3.35 -14.64
N VAL B 39 17.49 3.72 -15.76
CA VAL B 39 18.46 2.85 -16.41
C VAL B 39 19.64 2.58 -15.48
N ASP B 40 20.13 3.61 -14.80
CA ASP B 40 21.28 3.42 -13.91
C ASP B 40 20.93 2.52 -12.74
N ALA B 41 19.74 2.70 -12.15
CA ALA B 41 19.34 1.86 -11.03
C ALA B 41 19.12 0.42 -11.46
N LEU B 42 18.48 0.21 -12.62
CA LEU B 42 18.29 -1.14 -13.13
C LEU B 42 19.64 -1.82 -13.35
N THR B 43 20.62 -1.10 -13.92
CA THR B 43 21.91 -1.70 -14.19
C THR B 43 22.69 -1.97 -12.91
N GLU B 44 22.68 -1.02 -11.98
CA GLU B 44 23.40 -1.22 -10.73
C GLU B 44 22.73 -2.27 -9.86
N PHE B 45 21.40 -2.36 -9.90
CA PHE B 45 20.72 -3.42 -9.18
C PHE B 45 21.06 -4.79 -9.75
N GLY B 46 21.25 -4.88 -11.07
CA GLY B 46 21.69 -6.13 -11.66
C GLY B 46 23.09 -6.53 -11.23
N ILE B 47 23.99 -5.55 -11.16
CA ILE B 47 25.32 -5.81 -10.61
C ILE B 47 25.21 -6.29 -9.16
N PHE B 48 24.37 -5.63 -8.37
CA PHE B 48 24.12 -6.06 -7.00
C PHE B 48 23.61 -7.49 -6.95
N SER B 49 22.65 -7.85 -7.81
CA SER B 49 22.12 -9.20 -7.83
C SER B 49 23.18 -10.20 -8.27
N GLU B 50 24.01 -9.83 -9.23
CA GLU B 50 25.06 -10.73 -9.70
C GLU B 50 26.11 -10.96 -8.64
N GLU B 51 26.32 -10.01 -7.74
CA GLU B 51 27.25 -10.22 -6.63
C GLU B 51 26.74 -11.30 -5.69
N ASP B 52 25.43 -11.38 -5.50
CA ASP B 52 24.84 -12.46 -4.72
C ASP B 52 24.67 -13.75 -5.53
N LYS B 53 25.28 -13.82 -6.71
CA LYS B 53 25.18 -14.98 -7.60
C LYS B 53 23.73 -15.28 -7.98
N ASP B 54 22.89 -14.25 -8.02
CA ASP B 54 21.54 -14.37 -8.57
C ASP B 54 21.55 -13.83 -10.00
N ILE B 55 22.15 -14.63 -10.88
CA ILE B 55 22.40 -14.18 -12.24
C ILE B 55 21.10 -14.12 -13.04
N ILE B 56 20.11 -14.96 -12.70
CA ILE B 56 18.83 -14.93 -13.40
C ILE B 56 18.13 -13.60 -13.17
N GLN B 57 18.14 -13.11 -11.93
CA GLN B 57 17.57 -11.79 -11.66
C GLN B 57 18.39 -10.69 -12.30
N ALA B 58 19.72 -10.84 -12.31
CA ALA B 58 20.58 -9.84 -12.92
C ALA B 58 20.30 -9.72 -14.41
N ASP B 59 20.16 -10.85 -15.10
CA ASP B 59 19.87 -10.82 -16.53
C ASP B 59 18.52 -10.17 -16.81
N TYR B 60 17.54 -10.36 -15.92
CA TYR B 60 16.25 -9.70 -16.09
C TYR B 60 16.38 -8.19 -15.94
N LEU B 61 17.17 -7.73 -14.96
CA LEU B 61 17.35 -6.29 -14.78
C LEU B 61 18.16 -5.69 -15.93
N TYR B 62 19.18 -6.40 -16.41
CA TYR B 62 19.94 -5.91 -17.56
C TYR B 62 19.06 -5.79 -18.79
N THR B 63 18.28 -6.82 -19.09
CA THR B 63 17.38 -6.78 -20.24
C THR B 63 16.36 -5.67 -20.10
N ARG B 64 15.89 -5.42 -18.87
CA ARG B 64 14.92 -4.35 -18.65
C ARG B 64 15.54 -2.98 -18.88
N ALA B 65 16.82 -2.80 -18.55
CA ALA B 65 17.49 -1.55 -18.84
C ALA B 65 17.78 -1.38 -20.33
N LEU B 66 18.04 -2.47 -21.04
CA LEU B 66 18.32 -2.40 -22.46
C LEU B 66 17.05 -2.22 -23.29
N ALA B 67 15.88 -2.61 -22.78
CA ALA B 67 14.64 -2.28 -23.46
C ALA B 67 14.40 -0.78 -23.50
N ILE B 68 14.89 -0.06 -22.48
CA ILE B 68 14.80 1.39 -22.45
C ILE B 68 15.97 2.04 -23.16
N SER B 69 17.19 1.59 -22.86
CA SER B 69 18.41 2.13 -23.45
C SER B 69 19.15 0.99 -24.14
N PRO B 70 18.86 0.74 -25.42
CA PRO B 70 19.46 -0.43 -26.10
C PRO B 70 20.97 -0.35 -26.27
N TYR B 71 21.58 0.83 -26.11
CA TYR B 71 23.01 0.99 -26.34
C TYR B 71 23.76 1.35 -25.06
N HIS B 72 23.17 1.09 -23.90
CA HIS B 72 23.83 1.38 -22.62
C HIS B 72 24.99 0.41 -22.42
N GLU B 73 26.20 0.95 -22.37
CA GLU B 73 27.40 0.12 -22.48
C GLU B 73 27.53 -0.83 -21.29
N LYS B 74 27.35 -0.33 -20.07
CA LYS B 74 27.55 -1.17 -18.89
C LYS B 74 26.54 -2.30 -18.84
N ALA B 75 25.31 -2.07 -19.31
CA ALA B 75 24.31 -3.13 -19.32
C ALA B 75 24.61 -4.15 -20.40
N LEU B 76 25.09 -3.70 -21.56
CA LEU B 76 25.44 -4.64 -22.63
C LEU B 76 26.59 -5.54 -22.24
N VAL B 77 27.62 -4.98 -21.60
CA VAL B 77 28.78 -5.78 -21.20
C VAL B 77 28.39 -6.80 -20.14
N ASN B 78 27.66 -6.37 -19.12
CA ASN B 78 27.34 -7.26 -18.01
C ASN B 78 26.33 -8.33 -18.42
N ARG B 79 25.44 -8.02 -19.36
CA ARG B 79 24.51 -9.04 -19.85
C ARG B 79 25.25 -10.13 -20.64
N ASP B 80 26.30 -9.75 -21.37
CA ASP B 80 27.09 -10.73 -22.11
C ASP B 80 27.82 -11.67 -21.16
N ARG B 81 28.35 -11.13 -20.06
CA ARG B 81 29.03 -11.98 -19.08
C ARG B 81 28.04 -12.89 -18.37
N ALA B 82 26.83 -12.40 -18.12
CA ALA B 82 25.83 -13.16 -17.37
C ALA B 82 25.20 -14.27 -18.19
N LEU B 83 25.21 -14.16 -19.52
CA LEU B 83 24.50 -15.14 -20.35
C LEU B 83 25.04 -16.56 -20.20
N PRO B 84 26.36 -16.82 -20.26
CA PRO B 84 26.82 -18.19 -20.00
C PRO B 84 26.52 -18.66 -18.59
N LEU B 85 26.50 -17.76 -17.61
CA LEU B 85 26.22 -18.16 -16.24
C LEU B 85 24.78 -18.63 -16.09
N VAL B 86 23.85 -18.00 -16.80
CA VAL B 86 22.45 -18.43 -16.75
C VAL B 86 22.31 -19.83 -17.34
N GLU B 87 22.98 -20.09 -18.47
CA GLU B 87 22.94 -21.42 -19.06
C GLU B 87 23.52 -22.46 -18.12
N GLU B 88 24.60 -22.13 -17.42
CA GLU B 88 25.20 -23.08 -16.48
C GLU B 88 24.26 -23.36 -15.32
N ILE B 89 23.52 -22.35 -14.86
CA ILE B 89 22.57 -22.56 -13.77
C ILE B 89 21.43 -23.47 -14.22
N ASP B 90 20.95 -23.27 -15.45
CA ASP B 90 19.86 -24.11 -15.95
C ASP B 90 20.35 -25.54 -16.22
N GLN B 91 21.58 -25.69 -16.71
CA GLN B 91 22.13 -27.02 -16.92
C GLN B 91 22.38 -27.73 -15.59
N ARG B 92 22.84 -26.99 -14.58
CA ARG B 92 23.09 -27.59 -13.28
C ARG B 92 21.80 -28.13 -12.67
N TYR B 93 20.70 -27.38 -12.81
CA TYR B 93 19.43 -27.82 -12.26
C TYR B 93 18.89 -29.04 -13.02
N PHE B 94 19.11 -29.08 -14.33
CA PHE B 94 18.73 -30.28 -15.10
C PHE B 94 19.49 -31.50 -14.63
N SER B 95 20.77 -31.33 -14.30
CA SER B 95 21.57 -32.45 -13.81
C SER B 95 21.07 -32.95 -12.46
N ILE B 96 20.56 -32.06 -11.62
CA ILE B 96 19.96 -32.49 -10.36
C ILE B 96 18.69 -33.28 -10.63
N ILE B 97 17.92 -32.90 -11.65
CA ILE B 97 16.72 -33.64 -12.01
C ILE B 97 17.09 -35.02 -12.53
N ASP B 98 18.13 -35.12 -13.35
CA ASP B 98 18.56 -36.42 -13.84
C ASP B 98 19.08 -37.31 -12.72
N SER B 99 19.64 -36.71 -11.66
CA SER B 99 20.10 -37.51 -10.53
C SER B 99 18.92 -38.10 -9.75
N LYS B 100 17.77 -37.42 -9.75
CA LYS B 100 16.61 -37.91 -9.02
C LYS B 100 15.72 -38.81 -9.85
N VAL B 101 15.63 -38.57 -11.17
CA VAL B 101 14.76 -39.39 -11.99
C VAL B 101 15.38 -40.76 -12.24
N LYS B 102 16.71 -40.86 -12.30
CA LYS B 102 17.36 -42.16 -12.41
C LYS B 102 17.30 -42.94 -11.10
N LYS B 103 17.11 -42.24 -9.98
CA LYS B 103 16.99 -42.91 -8.70
C LYS B 103 15.58 -43.47 -8.48
N VAL B 104 14.56 -42.79 -9.00
CA VAL B 104 13.19 -43.26 -8.81
C VAL B 104 12.86 -44.42 -9.76
N MET B 105 13.54 -44.49 -10.90
CA MET B 105 13.31 -45.56 -11.86
C MET B 105 14.26 -46.74 -11.66
N SER B 106 15.18 -46.64 -10.70
CA SER B 106 16.12 -47.73 -10.44
C SER B 106 15.47 -48.89 -9.70
N ILE B 107 14.48 -48.60 -8.86
CA ILE B 107 13.78 -49.62 -8.11
C ILE B 107 12.83 -50.38 -9.05
N PRO B 108 12.56 -51.66 -8.81
CA PRO B 108 11.67 -52.40 -9.70
C PRO B 108 10.23 -51.91 -9.60
N LYS B 109 9.52 -52.00 -10.73
CA LYS B 109 8.14 -51.55 -10.78
C LYS B 109 7.20 -52.40 -9.93
N GLY B 110 7.59 -53.64 -9.62
CA GLY B 110 6.77 -54.51 -8.81
C GLY B 110 6.72 -54.16 -7.33
N ASN B 111 7.41 -53.10 -6.91
CA ASN B 111 7.39 -52.71 -5.51
C ASN B 111 6.00 -52.22 -5.11
N SER B 112 5.53 -52.68 -3.95
CA SER B 112 4.20 -52.28 -3.49
C SER B 112 4.14 -50.81 -3.14
N ALA B 113 5.25 -50.22 -2.72
CA ALA B 113 5.25 -48.81 -2.36
C ALA B 113 5.09 -47.93 -3.59
N LEU B 114 5.83 -48.22 -4.65
CA LEU B 114 5.73 -47.43 -5.87
C LEU B 114 4.36 -47.59 -6.52
N ARG B 115 3.85 -48.82 -6.59
CA ARG B 115 2.57 -49.06 -7.25
C ARG B 115 1.40 -48.45 -6.46
N ARG B 116 1.52 -48.39 -5.13
CA ARG B 116 0.47 -47.77 -4.34
C ARG B 116 0.47 -46.25 -4.50
N VAL B 117 1.65 -45.65 -4.56
CA VAL B 117 1.74 -44.20 -4.78
C VAL B 117 1.31 -43.84 -6.20
N MET B 118 1.75 -44.64 -7.18
CA MET B 118 1.37 -44.37 -8.57
C MET B 118 -0.13 -44.50 -8.79
N GLU B 119 -0.79 -45.37 -8.03
CA GLU B 119 -2.23 -45.55 -8.20
C GLU B 119 -3.00 -44.33 -7.68
N GLU B 120 -2.67 -43.87 -6.48
CA GLU B 120 -3.34 -42.69 -5.94
C GLU B 120 -2.88 -41.41 -6.60
N THR B 121 -1.69 -41.41 -7.21
CA THR B 121 -1.24 -40.22 -7.93
C THR B 121 -2.05 -39.99 -9.19
N TYR B 122 -2.61 -41.05 -9.77
CA TYR B 122 -3.42 -40.91 -10.98
C TYR B 122 -4.62 -40.01 -10.73
N TYR B 123 -5.39 -40.29 -9.68
CA TYR B 123 -6.51 -39.44 -9.33
C TYR B 123 -6.06 -38.06 -8.88
N HIS B 124 -4.84 -37.96 -8.32
CA HIS B 124 -4.28 -36.65 -8.00
C HIS B 124 -4.06 -35.82 -9.26
N HIS B 125 -3.57 -36.45 -10.33
CA HIS B 125 -3.35 -35.73 -11.58
C HIS B 125 -4.66 -35.24 -12.17
N ILE B 126 -5.70 -36.06 -12.12
CA ILE B 126 -7.02 -35.63 -12.60
C ILE B 126 -7.54 -34.48 -11.74
N TYR B 127 -7.32 -34.56 -10.43
CA TYR B 127 -7.76 -33.52 -9.52
C TYR B 127 -7.07 -32.20 -9.81
N HIS B 128 -5.73 -32.21 -9.88
CA HIS B 128 -5.00 -30.96 -10.03
C HIS B 128 -5.21 -30.33 -11.40
N THR B 129 -5.38 -31.15 -12.46
CA THR B 129 -5.47 -30.58 -13.79
C THR B 129 -6.81 -29.91 -14.06
N VAL B 130 -7.85 -30.25 -13.30
CA VAL B 130 -9.17 -29.63 -13.49
C VAL B 130 -9.35 -28.53 -12.44
N ALA B 131 -8.82 -28.75 -11.24
CA ALA B 131 -8.96 -27.75 -10.18
C ALA B 131 -8.13 -26.51 -10.46
N ILE B 132 -7.06 -26.63 -11.25
CA ILE B 132 -6.27 -25.46 -11.64
C ILE B 132 -7.03 -24.57 -12.61
N GLY B 133 -8.13 -25.04 -13.18
CA GLY B 133 -8.99 -24.26 -14.02
C GLY B 133 -10.27 -23.79 -13.38
N GLY B 134 -10.54 -24.20 -12.14
CA GLY B 134 -11.74 -23.78 -11.42
C GLY B 134 -12.65 -24.92 -10.99
N ASN B 135 -12.35 -26.17 -11.28
CA ASN B 135 -13.22 -27.28 -10.88
C ASN B 135 -13.18 -27.43 -9.36
N THR B 136 -14.35 -27.55 -8.76
CA THR B 136 -14.48 -27.60 -7.31
C THR B 136 -14.63 -29.02 -6.76
N LEU B 137 -14.57 -30.04 -7.62
CA LEU B 137 -14.67 -31.41 -7.16
C LEU B 137 -13.45 -31.77 -6.31
N THR B 138 -13.71 -32.42 -5.18
CA THR B 138 -12.63 -32.87 -4.31
C THR B 138 -12.01 -34.15 -4.88
N LEU B 139 -10.87 -34.55 -4.30
CA LEU B 139 -10.21 -35.76 -4.73
C LEU B 139 -11.07 -36.99 -4.45
N SER B 140 -11.69 -37.04 -3.27
CA SER B 140 -12.54 -38.19 -2.93
C SER B 140 -13.77 -38.25 -3.84
N GLU B 141 -14.35 -37.10 -4.17
CA GLU B 141 -15.48 -37.07 -5.08
C GLU B 141 -15.08 -37.51 -6.48
N ILE B 142 -13.86 -37.13 -6.91
CA ILE B 142 -13.38 -37.55 -8.22
C ILE B 142 -13.17 -39.05 -8.26
N ARG B 143 -12.53 -39.60 -7.22
CA ARG B 143 -12.35 -41.05 -7.14
C ARG B 143 -13.70 -41.76 -7.08
N HIS B 144 -14.69 -41.15 -6.42
CA HIS B 144 -16.00 -41.77 -6.30
C HIS B 144 -16.68 -41.91 -7.65
N ILE B 145 -16.61 -40.86 -8.48
CA ILE B 145 -17.27 -40.90 -9.78
C ILE B 145 -16.60 -41.92 -10.70
N LEU B 146 -15.27 -41.94 -10.72
CA LEU B 146 -14.57 -42.81 -11.66
C LEU B 146 -14.64 -44.27 -11.26
N GLU B 147 -14.60 -44.55 -9.96
CA GLU B 147 -14.58 -45.94 -9.49
C GLU B 147 -15.98 -46.54 -9.36
N THR B 148 -16.95 -45.75 -8.90
CA THR B 148 -18.29 -46.28 -8.66
C THR B 148 -19.28 -45.97 -9.78
N ARG B 149 -18.96 -45.02 -10.66
CA ARG B 149 -19.86 -44.60 -11.74
C ARG B 149 -21.18 -44.06 -11.21
N TYR B 150 -21.18 -43.56 -9.99
CA TYR B 150 -22.31 -42.86 -9.39
C TYR B 150 -22.02 -41.36 -9.36
N ALA B 151 -22.98 -40.56 -9.78
CA ALA B 151 -22.82 -39.12 -9.70
C ALA B 151 -22.81 -38.65 -8.26
N VAL B 152 -22.25 -37.47 -8.05
CA VAL B 152 -22.19 -36.84 -6.73
C VAL B 152 -23.27 -35.75 -6.68
N PRO B 153 -24.33 -35.92 -5.90
CA PRO B 153 -25.34 -34.86 -5.79
C PRO B 153 -24.75 -33.59 -5.21
N GLY B 154 -25.27 -32.46 -5.66
CA GLY B 154 -24.77 -31.17 -5.25
C GLY B 154 -23.62 -30.64 -6.07
N LYS B 155 -23.09 -31.42 -7.00
CA LYS B 155 -22.01 -31.01 -7.88
C LYS B 155 -22.52 -30.92 -9.31
N SER B 156 -22.03 -29.93 -10.05
CA SER B 156 -22.54 -29.66 -11.39
C SER B 156 -22.16 -30.78 -12.35
N ASP B 157 -22.98 -30.93 -13.40
CA ASP B 157 -22.69 -31.94 -14.40
C ASP B 157 -21.46 -31.59 -15.23
N GLU B 158 -21.19 -30.30 -15.43
CA GLU B 158 -20.03 -29.90 -16.22
C GLU B 158 -18.73 -30.30 -15.53
N GLU B 159 -18.63 -30.04 -14.23
CA GLU B 159 -17.43 -30.41 -13.50
C GLU B 159 -17.22 -31.93 -13.48
N GLN B 160 -18.32 -32.69 -13.44
CA GLN B 160 -18.19 -34.14 -13.48
C GLN B 160 -17.85 -34.64 -14.88
N ASN B 161 -18.37 -33.96 -15.91
CA ASN B 161 -18.03 -34.35 -17.28
C ASN B 161 -16.57 -34.05 -17.60
N GLU B 162 -15.99 -33.02 -16.96
CA GLU B 162 -14.57 -32.77 -17.14
C GLU B 162 -13.72 -33.88 -16.56
N VAL B 163 -14.05 -34.31 -15.34
CA VAL B 163 -13.29 -35.37 -14.68
C VAL B 163 -13.36 -36.66 -15.47
N ILE B 164 -14.56 -37.03 -15.91
CA ILE B 164 -14.73 -38.25 -16.68
C ILE B 164 -14.06 -38.13 -18.04
N GLY B 165 -14.10 -36.93 -18.64
CA GLY B 165 -13.39 -36.71 -19.89
C GLY B 165 -11.89 -36.83 -19.73
N MET B 166 -11.35 -36.31 -18.62
CA MET B 166 -9.92 -36.44 -18.36
C MET B 166 -9.53 -37.88 -18.07
N HIS B 167 -10.41 -38.63 -17.41
CA HIS B 167 -10.14 -40.05 -17.14
C HIS B 167 -10.04 -40.83 -18.44
N ALA B 168 -10.92 -40.56 -19.40
CA ALA B 168 -10.86 -41.26 -20.68
C ALA B 168 -9.65 -40.82 -21.49
N ALA B 169 -9.18 -39.59 -21.29
CA ALA B 169 -8.00 -39.13 -22.02
C ALA B 169 -6.72 -39.74 -21.48
N MET B 170 -6.61 -39.87 -20.16
CA MET B 170 -5.40 -40.44 -19.58
C MET B 170 -5.33 -41.94 -19.82
N LYS B 171 -6.47 -42.64 -19.74
CA LYS B 171 -6.48 -44.08 -20.04
C LYS B 171 -6.14 -44.34 -21.49
N TYR B 172 -6.57 -43.46 -22.40
CA TYR B 172 -6.21 -43.61 -23.80
C TYR B 172 -4.71 -43.42 -24.02
N ILE B 173 -4.13 -42.41 -23.38
CA ILE B 173 -2.70 -42.15 -23.56
C ILE B 173 -1.87 -43.25 -22.91
N ASN B 174 -2.23 -43.65 -21.69
CA ASN B 174 -1.43 -44.60 -20.93
C ASN B 174 -1.42 -46.00 -21.54
N THR B 175 -2.39 -46.33 -22.39
CA THR B 175 -2.48 -47.67 -22.94
C THR B 175 -2.43 -47.74 -24.46
N THR B 176 -2.18 -46.63 -25.15
CA THR B 176 -2.15 -46.65 -26.61
C THR B 176 -0.97 -45.83 -27.16
N LEU B 177 -0.67 -44.71 -26.52
CA LEU B 177 0.31 -43.76 -27.05
C LEU B 177 1.64 -43.75 -26.30
N VAL B 178 1.65 -44.12 -25.02
CA VAL B 178 2.90 -44.06 -24.25
C VAL B 178 3.91 -45.06 -24.79
N SER B 179 3.54 -46.33 -24.85
CA SER B 179 4.44 -47.38 -25.31
C SER B 179 4.50 -47.51 -26.83
N ARG B 180 3.73 -46.71 -27.56
CA ARG B 180 3.76 -46.79 -29.02
C ARG B 180 5.10 -46.29 -29.55
N ILE B 181 5.68 -47.04 -30.48
CA ILE B 181 7.01 -46.73 -30.98
C ILE B 181 6.97 -45.63 -32.04
N GLY B 182 5.86 -45.51 -32.76
CA GLY B 182 5.76 -44.56 -33.85
C GLY B 182 5.80 -43.11 -33.39
N SER B 183 5.68 -42.22 -34.37
CA SER B 183 5.72 -40.79 -34.11
C SER B 183 4.37 -40.29 -33.65
N VAL B 184 4.30 -39.00 -33.32
CA VAL B 184 3.08 -38.35 -32.87
C VAL B 184 2.47 -37.61 -34.06
N THR B 185 1.18 -37.81 -34.28
CA THR B 185 0.48 -37.25 -35.43
C THR B 185 -0.57 -36.24 -34.97
N ILE B 186 -1.19 -35.59 -35.96
CA ILE B 186 -2.28 -34.66 -35.68
C ILE B 186 -3.50 -35.42 -35.17
N SER B 187 -3.74 -36.62 -35.71
CA SER B 187 -4.89 -37.41 -35.28
C SER B 187 -4.78 -37.79 -33.81
N ASP B 188 -3.55 -37.90 -33.28
CA ASP B 188 -3.38 -38.17 -31.86
C ASP B 188 -3.81 -36.98 -31.02
N VAL B 189 -3.45 -35.77 -31.45
CA VAL B 189 -3.85 -34.57 -30.70
C VAL B 189 -5.36 -34.39 -30.75
N LEU B 190 -5.96 -34.61 -31.92
CA LEU B 190 -7.42 -34.51 -32.03
C LEU B 190 -8.12 -35.57 -31.21
N GLU B 191 -7.49 -36.74 -31.04
CA GLU B 191 -8.10 -37.82 -30.27
C GLU B 191 -8.04 -37.55 -28.78
N ILE B 192 -7.00 -36.87 -28.31
CA ILE B 192 -6.93 -36.52 -26.89
C ILE B 192 -7.95 -35.46 -26.54
N HIS B 193 -8.08 -34.44 -27.40
CA HIS B 193 -9.08 -33.39 -27.16
C HIS B 193 -10.50 -33.92 -27.29
N ARG B 194 -10.70 -34.92 -28.16
CA ARG B 194 -12.02 -35.56 -28.23
C ARG B 194 -12.34 -36.27 -26.92
N ARG B 195 -11.33 -36.86 -26.28
CA ARG B 195 -11.55 -37.49 -24.97
C ARG B 195 -11.74 -36.45 -23.88
N VAL B 196 -10.96 -35.36 -23.92
CA VAL B 196 -11.00 -34.37 -22.86
C VAL B 196 -12.35 -33.65 -22.82
N LEU B 197 -12.79 -33.14 -23.97
CA LEU B 197 -14.00 -32.34 -24.06
C LEU B 197 -15.20 -33.14 -24.54
N GLY B 198 -15.10 -34.47 -24.60
CA GLY B 198 -16.15 -35.27 -25.20
C GLY B 198 -17.46 -35.21 -24.44
N TYR B 199 -17.40 -35.26 -23.12
CA TYR B 199 -18.60 -35.24 -22.30
C TYR B 199 -19.06 -33.83 -21.96
N VAL B 200 -18.15 -32.85 -21.97
CA VAL B 200 -18.54 -31.48 -21.70
C VAL B 200 -19.13 -30.83 -22.95
N ASP B 201 -18.46 -30.99 -24.09
CA ASP B 201 -18.90 -30.37 -25.35
C ASP B 201 -18.69 -31.39 -26.46
N PRO B 202 -19.68 -32.26 -26.70
CA PRO B 202 -19.52 -33.27 -27.75
C PRO B 202 -19.42 -32.69 -29.16
N VAL B 203 -19.85 -31.44 -29.36
CA VAL B 203 -19.79 -30.84 -30.68
C VAL B 203 -18.36 -30.45 -31.04
N GLU B 204 -17.70 -29.68 -30.16
CA GLU B 204 -16.36 -29.19 -30.43
C GLU B 204 -15.27 -30.20 -30.09
N ALA B 205 -15.62 -31.33 -29.49
CA ALA B 205 -14.62 -32.30 -29.06
C ALA B 205 -14.00 -33.00 -30.27
N GLY B 206 -12.68 -32.89 -30.40
CA GLY B 206 -11.97 -33.58 -31.46
C GLY B 206 -11.81 -32.82 -32.74
N ARG B 207 -12.00 -31.50 -32.73
CA ARG B 207 -11.83 -30.71 -33.94
C ARG B 207 -11.26 -29.35 -33.57
N PHE B 208 -10.49 -28.78 -34.50
CA PHE B 208 -9.92 -27.46 -34.31
C PHE B 208 -11.00 -26.40 -34.48
N ARG B 209 -10.73 -25.21 -33.95
CA ARG B 209 -11.63 -24.08 -34.09
C ARG B 209 -11.57 -23.51 -35.50
N THR B 210 -12.73 -23.14 -36.03
CA THR B 210 -12.83 -22.53 -37.34
C THR B 210 -12.89 -21.01 -37.30
N THR B 211 -12.93 -20.43 -36.10
CA THR B 211 -12.98 -18.99 -35.92
C THR B 211 -11.75 -18.51 -35.17
N GLN B 212 -11.45 -17.22 -35.30
CA GLN B 212 -10.32 -16.59 -34.64
C GLN B 212 -10.77 -16.14 -33.25
N VAL B 213 -10.29 -16.82 -32.22
CA VAL B 213 -10.54 -16.43 -30.84
C VAL B 213 -9.26 -15.80 -30.27
N LEU B 214 -9.43 -15.09 -29.16
CA LEU B 214 -8.32 -14.43 -28.49
C LEU B 214 -7.98 -15.14 -27.19
N VAL B 215 -6.73 -14.98 -26.76
CA VAL B 215 -6.26 -15.53 -25.50
C VAL B 215 -5.62 -14.40 -24.70
N GLY B 216 -6.45 -13.50 -24.19
CA GLY B 216 -5.91 -12.34 -23.49
C GLY B 216 -5.23 -11.39 -24.46
N HIS B 217 -4.08 -10.86 -24.04
CA HIS B 217 -3.25 -10.06 -24.93
C HIS B 217 -2.41 -10.91 -25.88
N HIS B 218 -2.57 -12.22 -25.84
CA HIS B 218 -1.87 -13.14 -26.74
C HIS B 218 -2.75 -13.45 -27.94
N ILE B 219 -2.20 -13.30 -29.13
CA ILE B 219 -2.93 -13.49 -30.37
C ILE B 219 -2.54 -14.85 -30.95
N PRO B 220 -3.40 -15.86 -30.91
CA PRO B 220 -3.09 -17.15 -31.53
C PRO B 220 -3.22 -17.06 -33.04
N PRO B 221 -2.73 -18.07 -33.76
CA PRO B 221 -2.80 -18.03 -35.23
C PRO B 221 -4.23 -17.96 -35.75
N HIS B 222 -4.36 -17.45 -36.97
CA HIS B 222 -5.66 -17.36 -37.61
C HIS B 222 -6.22 -18.76 -37.89
N PRO B 223 -7.55 -18.91 -37.98
CA PRO B 223 -8.11 -20.25 -38.14
C PRO B 223 -7.66 -20.95 -39.41
N GLN B 224 -7.50 -20.23 -40.51
CA GLN B 224 -7.02 -20.86 -41.74
C GLN B 224 -5.55 -21.25 -41.67
N ASP B 225 -4.83 -20.80 -40.64
CA ASP B 225 -3.42 -21.14 -40.45
C ASP B 225 -3.20 -22.09 -39.29
N VAL B 226 -4.26 -22.49 -38.57
CA VAL B 226 -4.11 -23.35 -37.41
C VAL B 226 -3.59 -24.72 -37.83
N GLU B 227 -4.21 -25.32 -38.86
CA GLU B 227 -3.81 -26.66 -39.28
C GLU B 227 -2.38 -26.67 -39.81
N LYS B 228 -2.00 -25.63 -40.57
CA LYS B 228 -0.61 -25.50 -40.99
C LYS B 228 0.31 -25.33 -39.80
N GLN B 229 -0.09 -24.50 -38.83
CA GLN B 229 0.71 -24.32 -37.63
C GLN B 229 0.75 -25.61 -36.80
N MET B 230 -0.32 -26.38 -36.79
CA MET B 230 -0.33 -27.65 -36.07
C MET B 230 0.53 -28.70 -36.77
N GLN B 231 0.52 -28.70 -38.11
CA GLN B 231 1.35 -29.65 -38.85
C GLN B 231 2.83 -29.32 -38.67
N GLU B 232 3.18 -28.03 -38.63
CA GLU B 232 4.56 -27.67 -38.33
C GLU B 232 4.91 -27.95 -36.88
N PHE B 233 3.92 -27.93 -35.99
CA PHE B 233 4.17 -28.22 -34.59
C PHE B 233 4.53 -29.70 -34.40
N VAL B 234 3.71 -30.60 -34.94
CA VAL B 234 4.01 -32.02 -34.85
C VAL B 234 5.23 -32.39 -35.67
N GLN B 235 5.63 -31.53 -36.63
CA GLN B 235 6.89 -31.76 -37.32
C GLN B 235 8.07 -31.39 -36.45
N TRP B 236 7.92 -30.36 -35.60
CA TRP B 236 8.91 -30.12 -34.56
C TRP B 236 8.94 -31.25 -33.54
N LEU B 237 7.79 -31.90 -33.33
CA LEU B 237 7.77 -33.15 -32.59
C LEU B 237 8.45 -34.26 -33.39
N ASN B 238 8.94 -35.27 -32.67
CA ASN B 238 9.64 -36.40 -33.26
C ASN B 238 10.84 -35.98 -34.10
N SER B 239 11.38 -34.79 -33.84
CA SER B 239 12.51 -34.25 -34.58
C SER B 239 13.80 -34.46 -33.80
N GLU B 240 14.91 -34.54 -34.53
CA GLU B 240 16.20 -34.76 -33.89
C GLU B 240 16.62 -33.57 -33.03
N GLU B 241 16.19 -32.36 -33.40
CA GLU B 241 16.47 -31.20 -32.56
C GLU B 241 15.74 -31.31 -31.22
N ALA B 242 14.53 -31.86 -31.23
CA ALA B 242 13.77 -32.02 -30.00
C ALA B 242 14.31 -33.15 -29.14
N MET B 243 14.83 -34.21 -29.75
CA MET B 243 15.44 -35.29 -28.99
C MET B 243 16.73 -34.84 -28.32
N ASN B 244 17.49 -33.97 -28.98
CA ASN B 244 18.70 -33.43 -28.38
C ASN B 244 18.40 -32.48 -27.22
N LEU B 245 17.19 -31.93 -27.17
CA LEU B 245 16.78 -31.12 -26.04
C LEU B 245 16.62 -31.99 -24.80
N HIS B 246 16.76 -31.36 -23.63
CA HIS B 246 16.50 -32.07 -22.39
C HIS B 246 15.02 -32.46 -22.32
N PRO B 247 14.71 -33.65 -21.81
CA PRO B 247 13.30 -34.07 -21.77
C PRO B 247 12.37 -33.08 -21.06
N VAL B 248 12.85 -32.44 -20.00
CA VAL B 248 12.04 -31.45 -19.31
C VAL B 248 11.83 -30.21 -20.19
N GLU B 249 12.91 -29.74 -20.83
CA GLU B 249 12.80 -28.58 -21.70
C GLU B 249 11.97 -28.91 -22.94
N PHE B 250 12.07 -30.13 -23.45
CA PHE B 250 11.29 -30.52 -24.61
C PHE B 250 9.82 -30.64 -24.25
N ALA B 251 9.50 -31.25 -23.11
CA ALA B 251 8.10 -31.36 -22.69
C ALA B 251 7.53 -30.00 -22.31
N ALA B 252 8.37 -29.08 -21.83
CA ALA B 252 7.88 -27.76 -21.47
C ALA B 252 7.59 -26.90 -22.70
N LEU B 253 8.47 -26.98 -23.70
CA LEU B 253 8.25 -26.21 -24.93
C LEU B 253 7.04 -26.71 -25.69
N ALA B 254 6.86 -28.03 -25.76
CA ALA B 254 5.67 -28.57 -26.41
C ALA B 254 4.40 -28.16 -25.67
N HIS B 255 4.49 -28.03 -24.34
CA HIS B 255 3.36 -27.52 -23.57
C HIS B 255 3.00 -26.10 -24.01
N TYR B 256 3.99 -25.20 -24.01
CA TYR B 256 3.69 -23.81 -24.32
C TYR B 256 3.33 -23.62 -25.79
N LYS B 257 4.03 -24.32 -26.69
CA LYS B 257 3.76 -24.15 -28.12
C LYS B 257 2.33 -24.55 -28.46
N LEU B 258 1.81 -25.60 -27.83
CA LEU B 258 0.42 -25.98 -28.07
C LEU B 258 -0.54 -24.95 -27.48
N VAL B 259 -0.21 -24.41 -26.31
CA VAL B 259 -1.01 -23.32 -25.75
C VAL B 259 -0.88 -22.08 -26.61
N TYR B 260 0.31 -21.82 -27.14
CA TYR B 260 0.52 -20.68 -28.02
C TYR B 260 -0.34 -20.78 -29.27
N ILE B 261 -0.43 -21.98 -29.85
CA ILE B 261 -1.27 -22.17 -31.03
C ILE B 261 -2.75 -22.01 -30.67
N HIS B 262 -3.15 -22.56 -29.52
CA HIS B 262 -4.52 -22.51 -29.03
C HIS B 262 -5.47 -23.05 -30.09
N PRO B 263 -5.35 -24.33 -30.45
CA PRO B 263 -6.10 -24.84 -31.62
C PRO B 263 -7.57 -25.11 -31.34
N PHE B 264 -7.99 -25.16 -30.08
CA PHE B 264 -9.35 -25.50 -29.73
C PHE B 264 -10.03 -24.33 -29.03
N ILE B 265 -11.36 -24.36 -29.03
CA ILE B 265 -12.12 -23.37 -28.27
C ILE B 265 -11.86 -23.54 -26.78
N ASP B 266 -11.95 -24.78 -26.30
CA ASP B 266 -11.73 -25.10 -24.89
C ASP B 266 -10.82 -26.31 -24.79
N GLY B 267 -10.32 -26.54 -23.57
CA GLY B 267 -9.47 -27.69 -23.32
C GLY B 267 -8.05 -27.58 -23.81
N ASN B 268 -7.59 -26.38 -24.12
CA ASN B 268 -6.22 -26.22 -24.61
C ASN B 268 -5.20 -26.48 -23.50
N GLY B 269 -5.46 -25.97 -22.30
CA GLY B 269 -4.55 -26.21 -21.19
C GLY B 269 -4.50 -27.67 -20.79
N ARG B 270 -5.67 -28.30 -20.65
CA ARG B 270 -5.71 -29.71 -20.27
C ARG B 270 -5.05 -30.58 -21.33
N THR B 271 -5.25 -30.26 -22.61
CA THR B 271 -4.62 -31.04 -23.67
C THR B 271 -3.11 -30.86 -23.67
N SER B 272 -2.63 -29.63 -23.44
CA SER B 272 -1.19 -29.38 -23.45
C SER B 272 -0.51 -30.06 -22.27
N ARG B 273 -1.16 -30.10 -21.10
CA ARG B 273 -0.56 -30.75 -19.95
C ARG B 273 -0.54 -32.26 -20.11
N LEU B 274 -1.52 -32.83 -20.82
CA LEU B 274 -1.47 -34.25 -21.13
C LEU B 274 -0.35 -34.56 -22.12
N LEU B 275 -0.17 -33.72 -23.14
CA LEU B 275 0.92 -33.90 -24.09
C LEU B 275 2.27 -33.75 -23.40
N MET B 276 2.36 -32.87 -22.39
CA MET B 276 3.61 -32.69 -21.67
C MET B 276 4.04 -33.97 -20.97
N ASN B 277 3.10 -34.63 -20.30
CA ASN B 277 3.45 -35.85 -19.56
C ASN B 277 3.65 -37.04 -20.48
N LEU B 278 2.92 -37.11 -21.60
CA LEU B 278 3.16 -38.17 -22.57
C LEU B 278 4.60 -38.12 -23.07
N ILE B 279 5.13 -36.91 -23.29
CA ILE B 279 6.53 -36.75 -23.67
C ILE B 279 7.44 -37.20 -22.54
N LEU B 280 7.13 -36.80 -21.30
CA LEU B 280 7.96 -37.19 -20.17
C LEU B 280 7.90 -38.68 -19.93
N MET B 281 6.71 -39.28 -20.06
CA MET B 281 6.59 -40.72 -19.86
C MET B 281 7.32 -41.50 -20.94
N GLN B 282 7.36 -40.97 -22.17
CA GLN B 282 8.11 -41.64 -23.23
C GLN B 282 9.60 -41.56 -23.00
N ALA B 283 10.07 -40.53 -22.29
CA ALA B 283 11.47 -40.37 -21.96
C ALA B 283 11.87 -41.05 -20.66
N GLY B 284 10.99 -41.88 -20.09
CA GLY B 284 11.24 -42.54 -18.84
C GLY B 284 10.87 -41.76 -17.60
N TYR B 285 10.64 -40.46 -17.73
CA TYR B 285 10.27 -39.65 -16.59
C TYR B 285 8.84 -39.99 -16.14
N PRO B 286 8.57 -39.89 -14.83
CA PRO B 286 7.20 -40.04 -14.36
C PRO B 286 6.37 -38.82 -14.74
N PRO B 287 5.04 -38.96 -14.80
CA PRO B 287 4.20 -37.79 -15.10
C PRO B 287 4.25 -36.79 -13.97
N ILE B 288 4.52 -35.54 -14.32
CA ILE B 288 4.66 -34.48 -13.31
C ILE B 288 3.29 -33.87 -13.04
N THR B 289 3.21 -33.13 -11.94
CA THR B 289 1.96 -32.57 -11.45
C THR B 289 2.11 -31.06 -11.31
N ILE B 290 1.28 -30.32 -12.06
CA ILE B 290 1.17 -28.87 -11.86
C ILE B 290 0.01 -28.67 -10.89
N ARG B 291 0.35 -28.35 -9.64
CA ARG B 291 -0.63 -28.39 -8.57
C ARG B 291 -1.66 -27.27 -8.71
N LYS B 292 -2.82 -27.50 -8.09
CA LYS B 292 -3.90 -26.51 -8.10
C LYS B 292 -3.44 -25.19 -7.48
N GLU B 293 -2.61 -25.26 -6.44
CA GLU B 293 -2.14 -24.06 -5.77
C GLU B 293 -1.25 -23.20 -6.66
N GLN B 294 -0.63 -23.77 -7.69
CA GLN B 294 0.27 -23.05 -8.57
C GLN B 294 -0.44 -22.35 -9.72
N ARG B 295 -1.75 -22.10 -9.57
CA ARG B 295 -2.52 -21.53 -10.67
C ARG B 295 -1.97 -20.15 -11.07
N SER B 296 -1.71 -19.29 -10.08
CA SER B 296 -1.24 -17.95 -10.39
C SER B 296 0.17 -17.98 -10.97
N ASP B 297 1.06 -18.79 -10.38
CA ASP B 297 2.41 -18.92 -10.92
C ASP B 297 2.37 -19.51 -12.33
N TYR B 298 1.47 -20.45 -12.58
CA TYR B 298 1.31 -21.02 -13.91
C TYR B 298 0.89 -19.96 -14.91
N TYR B 299 0.03 -19.02 -14.50
CA TYR B 299 -0.37 -17.94 -15.38
C TYR B 299 0.77 -16.95 -15.59
N HIS B 300 1.59 -16.73 -14.55
CA HIS B 300 2.65 -15.72 -14.66
C HIS B 300 3.73 -16.15 -15.64
N VAL B 301 4.17 -17.41 -15.57
CA VAL B 301 5.20 -17.88 -16.49
C VAL B 301 4.65 -18.01 -17.89
N LEU B 302 3.37 -18.34 -18.03
CA LEU B 302 2.75 -18.34 -19.36
C LEU B 302 2.71 -16.92 -19.93
N CYS B 303 2.34 -15.94 -19.10
CA CYS B 303 2.33 -14.56 -19.56
C CYS B 303 3.73 -14.07 -19.87
N ALA B 304 4.73 -14.51 -19.10
CA ALA B 304 6.10 -14.14 -19.38
C ALA B 304 6.58 -14.76 -20.70
N ALA B 305 6.13 -15.98 -21.00
CA ALA B 305 6.51 -16.62 -22.25
C ALA B 305 5.84 -15.93 -23.43
N ASN B 306 4.58 -15.54 -23.29
CA ASN B 306 3.90 -14.79 -24.34
C ASN B 306 4.53 -13.41 -24.58
N GLU B 307 5.39 -12.96 -23.68
CA GLU B 307 6.01 -11.64 -23.80
C GLU B 307 7.52 -11.71 -24.01
N GLY B 308 8.03 -12.83 -24.55
CA GLY B 308 9.37 -12.91 -25.08
C GLY B 308 10.25 -13.97 -24.45
N ASP B 309 10.08 -14.25 -23.16
CA ASP B 309 10.97 -15.14 -22.43
C ASP B 309 10.22 -16.38 -21.97
N VAL B 310 10.51 -17.52 -22.60
CA VAL B 310 9.91 -18.79 -22.24
C VAL B 310 10.75 -19.58 -21.25
N ARG B 311 11.90 -19.05 -20.84
CA ARG B 311 12.78 -19.73 -19.89
C ARG B 311 12.17 -19.80 -18.49
N PRO B 312 11.52 -18.75 -17.98
CA PRO B 312 10.82 -18.91 -16.69
C PRO B 312 9.76 -19.99 -16.72
N PHE B 313 9.13 -20.22 -17.88
CA PHE B 313 8.17 -21.31 -17.98
C PHE B 313 8.87 -22.67 -17.93
N ILE B 314 10.02 -22.79 -18.59
CA ILE B 314 10.75 -24.06 -18.56
C ILE B 314 11.25 -24.36 -17.15
N ARG B 315 11.75 -23.34 -16.45
CA ARG B 315 12.16 -23.52 -15.06
C ARG B 315 10.98 -23.87 -14.17
N PHE B 316 9.80 -23.34 -14.48
CA PHE B 316 8.61 -23.71 -13.72
C PHE B 316 8.25 -25.17 -13.92
N ILE B 317 8.30 -25.64 -15.18
CA ILE B 317 8.05 -27.05 -15.46
C ILE B 317 9.13 -27.92 -14.82
N ALA B 318 10.37 -27.43 -14.81
CA ALA B 318 11.45 -28.18 -14.16
C ALA B 318 11.22 -28.28 -12.66
N LYS B 319 10.83 -27.18 -12.02
CA LYS B 319 10.58 -27.21 -10.58
C LYS B 319 9.41 -28.14 -10.25
N CYS B 320 8.40 -28.18 -11.12
CA CYS B 320 7.32 -29.13 -10.94
C CYS B 320 7.81 -30.57 -11.08
N THR B 321 8.79 -30.80 -11.97
CA THR B 321 9.32 -32.15 -12.13
C THR B 321 10.09 -32.60 -10.90
N GLU B 322 10.93 -31.71 -10.35
CA GLU B 322 11.67 -32.07 -9.14
C GLU B 322 10.72 -32.28 -7.96
N THR B 323 9.63 -31.53 -7.89
CA THR B 323 8.70 -31.65 -6.77
C THR B 323 8.05 -33.03 -6.75
N THR B 324 7.60 -33.52 -7.90
CA THR B 324 6.98 -34.83 -7.96
C THR B 324 7.99 -35.94 -7.77
N LEU B 325 9.24 -35.73 -8.20
CA LEU B 325 10.29 -36.72 -7.97
C LEU B 325 10.64 -36.83 -6.49
N ASP B 326 10.60 -35.71 -5.76
CA ASP B 326 10.89 -35.74 -4.33
C ASP B 326 9.81 -36.50 -3.58
N THR B 327 8.54 -36.30 -3.96
CA THR B 327 7.46 -37.02 -3.30
C THR B 327 7.47 -38.50 -3.66
N LEU B 328 7.91 -38.84 -4.86
CA LEU B 328 8.04 -40.25 -5.23
C LEU B 328 9.14 -40.92 -4.42
N LEU B 329 10.29 -40.26 -4.30
CA LEU B 329 11.38 -40.80 -3.49
C LEU B 329 11.06 -40.79 -2.01
N PHE B 330 10.05 -40.03 -1.59
CA PHE B 330 9.64 -40.02 -0.19
C PHE B 330 8.98 -41.33 0.23
N ALA B 331 8.48 -42.12 -0.73
CA ALA B 331 7.85 -43.39 -0.40
C ALA B 331 8.85 -44.41 0.13
N THR B 332 10.12 -44.26 -0.24
CA THR B 332 11.16 -45.18 0.21
C THR B 332 11.70 -44.78 1.58
#